data_7DSK
#
_entry.id   7DSK
#
_cell.length_a   1.00
_cell.length_b   1.00
_cell.length_c   1.00
_cell.angle_alpha   90.00
_cell.angle_beta   90.00
_cell.angle_gamma   90.00
#
_symmetry.space_group_name_H-M   'P 1'
#
loop_
_entity.id
_entity.type
_entity.pdbx_description
1 polymer '4F2 cell-surface antigen heavy chain'
2 polymer 'Large neutral amino acids transporter small subunit 1'
3 branched 2-acetamido-2-deoxy-beta-D-glucopyranose-(1-4)-2-acetamido-2-deoxy-beta-D-glucopyranose
4 non-polymer 1,2-DIACYL-GLYCEROL-3-SN-PHOSPHATE
5 non-polymer '(2~{S})-2-azanyl-7-(naphthalen-1-ylmethoxy)-3,4-dihydro-1~{H}-naphthalene-2-carboxylic acid'
6 non-polymer 'CHOLESTEROL HEMISUCCINATE'
7 water water
#
loop_
_entity_poly.entity_id
_entity_poly.type
_entity_poly.pdbx_seq_one_letter_code
_entity_poly.pdbx_strand_id
1 'polypeptide(L)'
;MAHHHHHHHHHHSGRELQPPEASIAVVSIPRQLPGSHSEAGVQGLSAGDDSETGSDCVTQAGLQLLASSDPPALASKNAE
VTVETGFHHVSQADIEFLTSIDPTASASGSAGITGTMSQDTEVDMKEVELNELEPEKQPMNAASGAAMSLAGAEKNGLVK
IKVAEDEAEAAAAAKFTGLSKEELLKVAGSPGWVRTRWALLLLFWLGWLGMLAGAVVIIVRAPRCRELPAQKWWHTGALY
RIGDLQAFQGHGAGNLAGLKGRLDYLSSLKVKGLVLGPIHKNQKDDVAQTDLLQIDPNFGSKEDFDSLLQSAKKKSIRVI
LDLTPNYRGENSWFSTQVDTVATKVKDALEFWLQAGVDGFQVRDIENLKDASSFLAEWQNITKGFSEDRLLIAGTNSSDL
QQILSLLESNKDLLLTSSYLSDSGSTGEHTKSLVTQYLNATGNRWCSWSLSQARLLTSFLPAQLLRLYQLMLFTLPGTPV
FSYGDEIGLDAAALPGQPMEAPVMLWDESSFPDIPGAVSANMTVKGQSEDPGSLLSLFRRLSDQRSKERSLLHGDFHAFS
AGPGLFSYIRHWDQNERFLVVLNFGDVGLSAGLQASDLPASASLPAKADLLLSTQPGREEGSPLELERLKLEPHEGLLLR
FPYAALE
;
A
2 'polypeptide(L)'
;MADYKDDDDKSGPDEVDASGRAGAGPKRRALAAPAAEEKEEAREKMLAAKSADGSAPAGEGEGVTLQRNITLLNGVAIIV
GTIIGSGIFVTPTGVLKEAGSPGLALVVWAACGVFSIVGALCYAELGTTISKSGGDYAYMLEVYGSLPAFLKLWIELLII
RPSSQYIVALVFATYLLKPLFPTCPVPEEAAKLVACLCVLLLTAVNCYSVKAATRVQDAFAAAKLLALALIILLGFVQIG
KGDVSNLDPNFSFEGTKLDVGNIVLALYSGLFAYGGWNYLNFVTEEMINPYRNLPLAIIISLPIVTLVYVLTNLAYFTTL
STEQMLSSEAVAVDFGNYHLGVMSWIIPVFVGLSCFGSVNGSLFTSSRLFFVGSREGHLPSILSMIHPQLLTPVPSLVFT
CVMTLLYAFSKDIFSVINFFSFFNWLCVALAIIGMIWLRHRKPELERPIKVNLALPVFFILACLFLIAVSFWKTPVECGI
GFTIILSGLPVYFFGVWWKNKPKWLLQGIFSTTVLCQKLMQVVPQET
;
B
#
loop_
_chem_comp.id
_chem_comp.type
_chem_comp.name
_chem_comp.formula
3PH non-polymer 1,2-DIACYL-GLYCEROL-3-SN-PHOSPHATE 'C39 H77 O8 P'
HNX non-polymer '(2~{S})-2-azanyl-7-(naphthalen-1-ylmethoxy)-3,4-dihydro-1~{H}-naphthalene-2-carboxylic acid' 'C22 H21 N O3'
NAG D-saccharide, beta linking 2-acetamido-2-deoxy-beta-D-glucopyranose 'C8 H15 N O6'
Y01 non-polymer 'CHOLESTEROL HEMISUCCINATE' 'C31 H50 O4'
#
# COMPACT_ATOMS: atom_id res chain seq x y z
N LYS A 175 -23.51 43.19 -21.20
CA LYS A 175 -23.72 44.18 -20.15
C LYS A 175 -22.58 45.17 -20.19
N PHE A 176 -21.42 44.74 -19.68
CA PHE A 176 -20.26 45.62 -19.62
C PHE A 176 -19.31 45.44 -20.81
N THR A 177 -19.21 44.24 -21.37
CA THR A 177 -18.32 44.03 -22.50
C THR A 177 -19.06 43.19 -23.54
N GLY A 178 -20.37 43.13 -23.43
CA GLY A 178 -21.16 42.34 -24.35
C GLY A 178 -22.51 42.94 -24.67
N LEU A 179 -23.34 42.14 -25.33
CA LEU A 179 -24.66 42.54 -25.79
C LEU A 179 -25.68 42.38 -24.66
N SER A 180 -26.97 42.41 -24.99
CA SER A 180 -28.04 42.24 -24.03
C SER A 180 -28.96 41.14 -24.52
N LYS A 181 -30.12 41.03 -23.87
CA LYS A 181 -31.11 40.00 -24.14
C LYS A 181 -31.69 40.07 -25.56
N GLU A 182 -32.33 41.20 -25.88
CA GLU A 182 -33.15 41.35 -27.07
C GLU A 182 -32.32 41.33 -28.36
N GLU A 183 -31.18 42.00 -28.32
CA GLU A 183 -30.28 42.05 -29.48
C GLU A 183 -29.78 40.66 -29.84
N LEU A 184 -29.39 39.89 -28.83
CA LEU A 184 -28.95 38.52 -29.06
C LEU A 184 -30.10 37.62 -29.51
N LEU A 185 -31.28 37.81 -28.96
CA LEU A 185 -32.40 36.94 -29.31
C LEU A 185 -32.93 37.22 -30.71
N LYS A 186 -32.73 38.43 -31.24
CA LYS A 186 -33.15 38.63 -32.62
C LYS A 186 -31.99 38.55 -33.62
N VAL A 187 -30.74 38.54 -33.14
CA VAL A 187 -29.61 38.25 -34.02
C VAL A 187 -29.29 36.76 -34.01
N ALA A 188 -29.02 36.21 -32.83
CA ALA A 188 -28.67 34.79 -32.75
C ALA A 188 -29.91 33.92 -32.66
N GLY A 189 -30.83 34.07 -33.60
CA GLY A 189 -31.98 33.21 -33.75
C GLY A 189 -32.20 32.95 -35.22
N SER A 190 -31.33 33.55 -36.03
CA SER A 190 -31.35 33.36 -37.47
C SER A 190 -31.02 31.92 -37.82
N PRO A 191 -31.52 31.42 -38.97
CA PRO A 191 -31.08 30.10 -39.44
C PRO A 191 -29.61 30.07 -39.77
N GLY A 192 -29.01 28.90 -39.73
CA GLY A 192 -27.56 28.82 -39.83
C GLY A 192 -26.91 28.73 -38.47
N TRP A 193 -27.16 29.72 -37.60
CA TRP A 193 -26.63 29.68 -36.24
C TRP A 193 -27.23 28.54 -35.44
N VAL A 194 -28.53 28.28 -35.64
CA VAL A 194 -29.18 27.14 -35.01
C VAL A 194 -28.58 25.84 -35.54
N ARG A 195 -28.34 25.78 -36.85
CA ARG A 195 -27.70 24.62 -37.45
C ARG A 195 -26.25 24.48 -36.99
N THR A 196 -25.59 25.61 -36.74
CA THR A 196 -24.21 25.59 -36.25
C THR A 196 -24.13 25.01 -34.85
N ARG A 197 -25.03 25.42 -33.96
CA ARG A 197 -24.95 24.94 -32.58
C ARG A 197 -25.45 23.50 -32.47
N TRP A 198 -26.41 23.10 -33.32
CA TRP A 198 -26.81 21.69 -33.30
C TRP A 198 -25.74 20.79 -33.89
N ALA A 199 -25.02 21.28 -34.92
CA ALA A 199 -23.91 20.52 -35.48
C ALA A 199 -22.78 20.39 -34.46
N LEU A 200 -22.52 21.44 -33.69
CA LEU A 200 -21.49 21.37 -32.65
C LEU A 200 -21.91 20.43 -31.52
N LEU A 201 -23.21 20.37 -31.21
CA LEU A 201 -23.70 19.44 -30.19
C LEU A 201 -23.48 17.99 -30.62
N LEU A 202 -23.87 17.65 -31.85
CA LEU A 202 -23.71 16.27 -32.30
C LEU A 202 -22.24 15.93 -32.51
N LEU A 203 -21.42 16.93 -32.88
CA LEU A 203 -19.98 16.72 -33.00
C LEU A 203 -19.35 16.44 -31.64
N PHE A 204 -19.83 17.12 -30.59
CA PHE A 204 -19.36 16.86 -29.24
C PHE A 204 -19.70 15.44 -28.80
N TRP A 205 -20.93 15.00 -29.08
CA TRP A 205 -21.32 13.66 -28.63
C TRP A 205 -20.61 12.57 -29.44
N LEU A 206 -20.33 12.82 -30.72
CA LEU A 206 -19.55 11.86 -31.49
C LEU A 206 -18.10 11.82 -31.04
N GLY A 207 -17.54 12.95 -30.61
CA GLY A 207 -16.20 12.92 -30.03
C GLY A 207 -16.16 12.18 -28.71
N TRP A 208 -17.23 12.29 -27.92
CA TRP A 208 -17.33 11.52 -26.67
C TRP A 208 -17.40 10.03 -26.93
N LEU A 209 -18.20 9.62 -27.93
CA LEU A 209 -18.27 8.19 -28.28
C LEU A 209 -16.97 7.70 -28.89
N GLY A 210 -16.25 8.57 -29.61
CA GLY A 210 -14.95 8.18 -30.13
C GLY A 210 -13.93 7.96 -29.02
N MET A 211 -13.99 8.79 -27.98
CA MET A 211 -13.11 8.59 -26.83
C MET A 211 -13.47 7.31 -26.07
N LEU A 212 -14.76 6.98 -26.02
CA LEU A 212 -15.19 5.74 -25.38
C LEU A 212 -14.70 4.51 -26.14
N ALA A 213 -14.79 4.55 -27.47
CA ALA A 213 -14.28 3.43 -28.27
C ALA A 213 -12.76 3.33 -28.19
N GLY A 214 -12.07 4.49 -28.14
CA GLY A 214 -10.63 4.49 -27.96
C GLY A 214 -10.18 3.95 -26.62
N ALA A 215 -10.99 4.13 -25.58
CA ALA A 215 -10.68 3.50 -24.30
C ALA A 215 -10.94 2.00 -24.32
N VAL A 216 -12.02 1.57 -24.98
CA VAL A 216 -12.37 0.14 -25.01
C VAL A 216 -11.32 -0.66 -25.79
N VAL A 217 -10.89 -0.15 -26.94
CA VAL A 217 -9.94 -0.91 -27.75
C VAL A 217 -8.53 -0.81 -27.18
N ILE A 218 -8.31 0.11 -26.24
CA ILE A 218 -7.05 0.09 -25.51
C ILE A 218 -7.11 -0.93 -24.39
N ILE A 219 -8.29 -1.07 -23.75
CA ILE A 219 -8.44 -2.04 -22.66
C ILE A 219 -8.34 -3.47 -23.18
N VAL A 220 -9.00 -3.79 -24.29
CA VAL A 220 -8.92 -5.16 -24.80
C VAL A 220 -7.58 -5.48 -25.46
N ARG A 221 -6.75 -4.49 -25.75
CA ARG A 221 -5.45 -4.71 -26.35
C ARG A 221 -4.36 -5.03 -25.34
N ALA A 222 -4.57 -4.66 -24.06
CA ALA A 222 -3.73 -5.04 -22.93
C ALA A 222 -3.73 -6.56 -22.79
N PRO A 223 -2.54 -7.18 -22.52
CA PRO A 223 -2.36 -8.60 -22.84
C PRO A 223 -3.27 -9.59 -22.13
N ARG A 224 -3.07 -9.75 -20.82
CA ARG A 224 -3.93 -10.19 -19.71
C ARG A 224 -2.97 -10.15 -18.52
N CYS A 225 -3.41 -10.59 -17.35
CA CYS A 225 -2.50 -10.71 -16.22
C CYS A 225 -2.63 -12.11 -15.61
N ARG A 226 -1.49 -12.67 -15.18
CA ARG A 226 -1.40 -14.08 -14.82
C ARG A 226 -2.11 -14.39 -13.51
N GLU A 227 -2.46 -15.66 -13.34
CA GLU A 227 -3.20 -16.11 -12.17
C GLU A 227 -2.25 -16.72 -11.14
N LEU A 228 -2.47 -16.40 -9.88
CA LEU A 228 -1.59 -16.74 -8.77
C LEU A 228 -1.66 -18.24 -8.45
N PRO A 229 -0.55 -18.87 -8.05
CA PRO A 229 -0.49 -20.34 -7.97
C PRO A 229 -1.09 -20.97 -6.72
N ALA A 230 -1.78 -20.21 -5.87
CA ALA A 230 -2.47 -20.69 -4.65
C ALA A 230 -1.50 -21.40 -3.70
N GLN A 231 -0.59 -20.60 -3.16
CA GLN A 231 0.52 -21.10 -2.37
C GLN A 231 0.06 -21.64 -1.01
N LYS A 232 0.91 -22.46 -0.41
CA LYS A 232 0.75 -22.94 0.95
C LYS A 232 1.55 -22.03 1.89
N TRP A 233 1.51 -22.36 3.18
CA TRP A 233 2.22 -21.53 4.16
C TRP A 233 3.72 -21.75 4.13
N TRP A 234 4.18 -22.93 3.73
CA TRP A 234 5.61 -23.20 3.65
C TRP A 234 6.22 -22.78 2.32
N HIS A 235 5.47 -22.05 1.50
CA HIS A 235 6.00 -21.47 0.27
C HIS A 235 6.47 -20.04 0.48
N THR A 236 6.22 -19.47 1.65
CA THR A 236 6.31 -18.03 1.86
C THR A 236 7.42 -17.63 2.82
N GLY A 237 8.46 -18.45 2.96
CA GLY A 237 9.55 -18.09 3.86
C GLY A 237 10.40 -19.30 4.17
N ALA A 238 11.08 -19.22 5.30
CA ALA A 238 12.08 -20.20 5.70
C ALA A 238 11.62 -21.00 6.90
N LEU A 239 12.16 -22.22 7.00
CA LEU A 239 11.98 -23.09 8.14
C LEU A 239 13.21 -23.03 9.03
N TYR A 240 13.02 -23.34 10.31
CA TYR A 240 14.05 -23.17 11.32
C TYR A 240 14.09 -24.42 12.18
N ARG A 241 15.22 -25.13 12.16
CA ARG A 241 15.34 -26.42 12.80
C ARG A 241 16.00 -26.25 14.16
N ILE A 242 15.34 -26.71 15.20
CA ILE A 242 15.87 -26.71 16.57
C ILE A 242 15.92 -28.16 17.01
N GLY A 243 17.08 -28.79 16.80
CA GLY A 243 17.21 -30.20 17.11
C GLY A 243 17.29 -30.50 18.59
N ASP A 244 18.19 -29.84 19.29
CA ASP A 244 18.38 -30.04 20.72
C ASP A 244 17.77 -28.85 21.44
N LEU A 245 16.72 -29.10 22.23
CA LEU A 245 16.04 -28.03 22.94
C LEU A 245 16.81 -27.56 24.16
N GLN A 246 17.68 -28.41 24.73
CA GLN A 246 18.43 -28.02 25.90
C GLN A 246 19.51 -27.01 25.54
N ALA A 247 20.16 -27.18 24.41
CA ALA A 247 21.23 -26.29 23.97
C ALA A 247 20.74 -25.03 23.30
N PHE A 248 19.42 -24.90 23.07
CA PHE A 248 18.92 -23.69 22.42
C PHE A 248 18.75 -22.56 23.41
N GLN A 249 18.12 -22.82 24.56
CA GLN A 249 18.02 -21.83 25.62
C GLN A 249 19.24 -21.89 26.53
N GLY A 250 19.50 -23.04 27.12
CA GLY A 250 20.61 -23.24 28.02
C GLY A 250 20.21 -24.17 29.14
N HIS A 251 21.13 -24.35 30.08
CA HIS A 251 20.88 -25.24 31.21
C HIS A 251 19.97 -24.57 32.23
N GLY A 252 19.14 -25.39 32.89
CA GLY A 252 18.14 -24.90 33.80
C GLY A 252 16.87 -24.39 33.17
N ALA A 253 16.85 -24.19 31.84
CA ALA A 253 15.67 -23.71 31.14
C ALA A 253 15.43 -24.47 29.84
N GLY A 254 15.88 -25.72 29.75
CA GLY A 254 15.77 -26.48 28.52
C GLY A 254 14.49 -27.27 28.37
N ASN A 255 13.38 -26.72 28.85
CA ASN A 255 12.08 -27.35 28.76
C ASN A 255 11.25 -26.66 27.68
N LEU A 256 10.05 -27.19 27.45
CA LEU A 256 9.18 -26.64 26.42
C LEU A 256 8.62 -25.28 26.82
N ALA A 257 8.52 -25.01 28.12
CA ALA A 257 7.92 -23.76 28.58
C ALA A 257 8.84 -22.58 28.33
N GLY A 258 10.15 -22.79 28.44
CA GLY A 258 11.11 -21.73 28.15
C GLY A 258 11.20 -21.37 26.68
N LEU A 259 10.79 -22.28 25.80
CA LEU A 259 10.79 -22.04 24.37
C LEU A 259 9.76 -20.99 23.96
N LYS A 260 8.73 -20.78 24.79
CA LYS A 260 7.74 -19.75 24.52
C LYS A 260 8.33 -18.35 24.61
N GLY A 261 9.40 -18.18 25.40
CA GLY A 261 10.03 -16.88 25.55
C GLY A 261 10.88 -16.43 24.38
N ARG A 262 11.17 -17.32 23.44
CA ARG A 262 12.01 -16.99 22.29
C ARG A 262 11.22 -16.75 21.02
N LEU A 263 9.88 -16.81 21.09
CA LEU A 263 9.06 -16.65 19.90
C LEU A 263 9.03 -15.21 19.39
N ASP A 264 9.37 -14.24 20.23
CA ASP A 264 9.51 -12.88 19.74
C ASP A 264 10.84 -12.68 19.01
N TYR A 265 11.88 -13.43 19.40
CA TYR A 265 13.12 -13.41 18.64
C TYR A 265 12.95 -14.14 17.32
N LEU A 266 12.23 -15.26 17.33
CA LEU A 266 11.97 -16.00 16.10
C LEU A 266 11.08 -15.23 15.13
N SER A 267 10.27 -14.31 15.63
CA SER A 267 9.48 -13.45 14.76
C SER A 267 10.28 -12.32 14.16
N SER A 268 11.47 -12.04 14.68
CA SER A 268 12.35 -11.05 14.06
C SER A 268 13.13 -11.64 12.89
N LEU A 269 13.30 -12.96 12.86
CA LEU A 269 13.89 -13.62 11.70
C LEU A 269 12.88 -13.91 10.61
N LYS A 270 11.58 -13.72 10.90
CA LYS A 270 10.47 -13.92 9.95
C LYS A 270 10.43 -15.34 9.39
N VAL A 271 10.71 -16.32 10.23
CA VAL A 271 10.56 -17.71 9.83
C VAL A 271 9.09 -18.07 9.84
N LYS A 272 8.69 -18.96 8.96
CA LYS A 272 7.29 -19.34 8.87
C LYS A 272 6.98 -20.65 9.57
N GLY A 273 8.01 -21.44 9.87
CA GLY A 273 7.80 -22.73 10.50
C GLY A 273 8.85 -22.96 11.56
N LEU A 274 8.74 -24.11 12.22
CA LEU A 274 9.61 -24.44 13.33
C LEU A 274 9.65 -25.96 13.49
N VAL A 275 10.78 -26.56 13.20
CA VAL A 275 10.94 -28.01 13.29
C VAL A 275 11.52 -28.32 14.67
N LEU A 276 10.65 -28.61 15.62
CA LEU A 276 11.09 -29.03 16.94
C LEU A 276 11.66 -30.43 16.88
N GLY A 277 12.68 -30.69 17.70
CA GLY A 277 13.32 -31.97 17.75
C GLY A 277 12.42 -33.02 18.38
N PRO A 278 12.88 -34.27 18.35
CA PRO A 278 12.05 -35.36 18.88
C PRO A 278 11.90 -35.29 20.39
N ILE A 279 10.72 -34.92 20.86
CA ILE A 279 10.46 -34.72 22.28
C ILE A 279 9.78 -35.91 22.91
N HIS A 280 9.64 -37.01 22.19
CA HIS A 280 8.89 -38.14 22.70
C HIS A 280 9.75 -38.98 23.64
N LYS A 281 9.10 -39.91 24.33
CA LYS A 281 9.76 -40.73 25.34
C LYS A 281 10.45 -41.91 24.65
N ASN A 282 11.77 -41.82 24.51
CA ASN A 282 12.58 -42.90 23.97
C ASN A 282 13.68 -43.21 24.97
N GLN A 283 13.71 -44.44 25.47
CA GLN A 283 14.71 -44.81 26.47
C GLN A 283 16.05 -45.06 25.81
N LYS A 284 16.11 -46.08 24.96
CA LYS A 284 17.33 -46.54 24.31
C LYS A 284 16.90 -47.49 23.20
N ASP A 285 17.83 -48.29 22.66
CA ASP A 285 17.61 -49.14 21.49
C ASP A 285 16.58 -50.26 21.67
N ASP A 286 15.98 -50.38 22.86
CA ASP A 286 14.86 -51.29 23.05
C ASP A 286 13.62 -50.70 22.40
N VAL A 287 12.91 -51.53 21.64
CA VAL A 287 11.77 -51.04 20.85
C VAL A 287 10.48 -51.05 21.67
N ALA A 288 10.37 -51.93 22.66
CA ALA A 288 9.11 -52.08 23.38
C ALA A 288 8.85 -50.94 24.36
N GLN A 289 9.89 -50.27 24.82
CA GLN A 289 9.75 -49.25 25.85
C GLN A 289 9.47 -47.86 25.29
N THR A 290 9.93 -47.58 24.07
CA THR A 290 9.70 -46.26 23.48
C THR A 290 8.24 -46.11 23.07
N ASP A 291 7.76 -44.87 23.07
CA ASP A 291 6.38 -44.57 22.75
C ASP A 291 6.31 -43.19 22.12
N LEU A 292 5.78 -43.11 20.89
CA LEU A 292 5.71 -41.85 20.16
C LEU A 292 4.51 -41.01 20.56
N LEU A 293 3.64 -41.52 21.43
CA LEU A 293 2.49 -40.75 21.89
C LEU A 293 2.78 -39.95 23.15
N GLN A 294 3.79 -40.31 23.91
CA GLN A 294 4.06 -39.74 25.22
C GLN A 294 5.24 -38.78 25.18
N ILE A 295 5.15 -37.74 25.99
CA ILE A 295 6.18 -36.72 26.11
C ILE A 295 7.24 -37.20 27.11
N ASP A 296 8.50 -37.03 26.76
CA ASP A 296 9.58 -37.27 27.71
C ASP A 296 9.51 -36.23 28.82
N PRO A 297 9.62 -36.64 30.09
CA PRO A 297 9.40 -35.69 31.19
C PRO A 297 10.50 -34.65 31.37
N ASN A 298 11.62 -34.76 30.68
CA ASN A 298 12.67 -33.77 30.75
C ASN A 298 12.43 -32.57 29.83
N PHE A 299 11.29 -32.52 29.15
CA PHE A 299 10.87 -31.37 28.37
C PHE A 299 9.60 -30.74 28.89
N GLY A 300 8.73 -31.54 29.51
CA GLY A 300 7.49 -31.02 30.06
C GLY A 300 6.38 -32.05 30.05
N SER A 301 5.19 -31.63 29.66
CA SER A 301 4.04 -32.50 29.56
C SER A 301 3.24 -32.10 28.32
N LYS A 302 2.01 -32.57 28.24
CA LYS A 302 1.21 -32.28 27.06
C LYS A 302 0.56 -30.90 27.15
N GLU A 303 0.32 -30.41 28.37
CA GLU A 303 -0.40 -29.15 28.53
C GLU A 303 0.48 -27.95 28.22
N ASP A 304 1.76 -27.99 28.60
CA ASP A 304 2.68 -26.93 28.20
C ASP A 304 3.12 -27.06 26.75
N PHE A 305 2.80 -28.18 26.08
CA PHE A 305 2.92 -28.27 24.63
C PHE A 305 1.72 -27.66 23.93
N ASP A 306 0.51 -27.89 24.47
CA ASP A 306 -0.69 -27.27 23.93
C ASP A 306 -0.67 -25.76 24.12
N SER A 307 -0.11 -25.27 25.23
CA SER A 307 0.03 -23.83 25.39
C SER A 307 1.08 -23.26 24.43
N LEU A 308 2.12 -24.04 24.13
CA LEU A 308 3.14 -23.60 23.17
C LEU A 308 2.57 -23.50 21.76
N LEU A 309 1.73 -24.46 21.37
CA LEU A 309 1.08 -24.41 20.06
C LEU A 309 0.17 -23.21 19.92
N GLN A 310 -0.63 -22.91 20.95
CA GLN A 310 -1.50 -21.74 20.91
C GLN A 310 -0.74 -20.43 21.00
N SER A 311 0.42 -20.42 21.67
CA SER A 311 1.23 -19.21 21.69
C SER A 311 1.91 -18.97 20.36
N ALA A 312 2.35 -20.02 19.68
CA ALA A 312 2.95 -19.87 18.37
C ALA A 312 1.91 -19.56 17.30
N LYS A 313 0.66 -19.99 17.52
CA LYS A 313 -0.40 -19.71 16.55
C LYS A 313 -0.72 -18.23 16.50
N LYS A 314 -0.62 -17.54 17.63
CA LYS A 314 -0.83 -16.09 17.66
C LYS A 314 0.33 -15.31 17.04
N LYS A 315 1.53 -15.90 16.99
CA LYS A 315 2.69 -15.23 16.43
C LYS A 315 2.88 -15.53 14.95
N SER A 316 1.90 -16.20 14.30
CA SER A 316 1.92 -16.61 12.91
C SER A 316 3.13 -17.50 12.60
N ILE A 317 3.37 -18.50 13.44
CA ILE A 317 4.50 -19.41 13.30
C ILE A 317 3.99 -20.83 13.48
N ARG A 318 4.26 -21.68 12.49
CA ARG A 318 3.80 -23.06 12.52
C ARG A 318 4.83 -23.95 13.21
N VAL A 319 4.36 -25.10 13.67
CA VAL A 319 5.19 -26.02 14.46
C VAL A 319 5.20 -27.38 13.77
N ILE A 320 6.39 -27.87 13.47
CA ILE A 320 6.59 -29.17 12.84
C ILE A 320 7.29 -30.06 13.86
N LEU A 321 6.80 -31.28 14.03
CA LEU A 321 7.27 -32.19 15.07
C LEU A 321 8.10 -33.30 14.44
N ASP A 322 9.35 -33.44 14.89
CA ASP A 322 10.20 -34.53 14.43
C ASP A 322 9.78 -35.83 15.10
N LEU A 323 9.42 -36.82 14.30
CA LEU A 323 8.94 -38.10 14.79
C LEU A 323 9.92 -39.23 14.49
N THR A 324 11.20 -38.94 14.43
CA THR A 324 12.21 -39.96 14.24
C THR A 324 12.34 -40.78 15.51
N PRO A 325 12.10 -42.11 15.46
CA PRO A 325 11.89 -42.88 16.70
C PRO A 325 13.10 -43.05 17.59
N ASN A 326 14.21 -43.53 17.04
CA ASN A 326 15.40 -43.82 17.83
C ASN A 326 16.40 -42.68 17.64
N TYR A 327 16.17 -41.59 18.37
CA TYR A 327 17.04 -40.43 18.28
C TYR A 327 18.12 -40.42 19.36
N ARG A 328 18.17 -41.44 20.21
CA ARG A 328 19.27 -41.65 21.14
C ARG A 328 19.88 -43.00 20.80
N GLY A 329 20.78 -42.99 19.83
CA GLY A 329 21.39 -44.22 19.35
C GLY A 329 21.95 -44.03 17.96
N GLU A 330 22.74 -45.01 17.54
CA GLU A 330 23.44 -44.88 16.26
C GLU A 330 22.51 -45.19 15.08
N ASN A 331 21.96 -46.40 15.04
CA ASN A 331 20.97 -46.73 14.03
C ASN A 331 19.65 -46.07 14.42
N SER A 332 19.16 -45.19 13.56
CA SER A 332 18.08 -44.30 13.93
C SER A 332 16.70 -44.90 13.74
N TRP A 333 16.58 -46.05 13.11
CA TRP A 333 15.29 -46.63 12.79
C TRP A 333 15.14 -48.05 13.32
N PHE A 334 15.79 -48.34 14.45
CA PHE A 334 15.63 -49.60 15.20
C PHE A 334 15.99 -50.84 14.38
N SER A 335 17.28 -51.03 14.09
CA SER A 335 17.86 -52.00 13.16
C SER A 335 17.33 -53.43 13.20
N THR A 336 16.74 -53.86 14.31
CA THR A 336 16.20 -55.21 14.48
C THR A 336 15.14 -55.56 13.43
N GLN A 337 14.03 -54.83 13.42
CA GLN A 337 12.97 -55.03 12.42
C GLN A 337 12.45 -53.68 11.94
N VAL A 338 11.45 -53.72 11.07
CA VAL A 338 11.06 -52.53 10.33
C VAL A 338 9.55 -52.27 10.44
N ASP A 339 8.76 -53.32 10.69
CA ASP A 339 7.31 -53.20 10.56
C ASP A 339 6.63 -52.52 11.75
N THR A 340 6.95 -52.94 12.97
CA THR A 340 6.27 -52.40 14.15
C THR A 340 6.71 -50.97 14.43
N VAL A 341 7.99 -50.66 14.16
CA VAL A 341 8.49 -49.31 14.33
C VAL A 341 7.88 -48.39 13.29
N ALA A 342 7.56 -48.91 12.10
CA ALA A 342 6.78 -48.16 11.15
C ALA A 342 5.29 -48.22 11.43
N THR A 343 4.85 -49.14 12.29
CA THR A 343 3.44 -49.19 12.64
C THR A 343 3.07 -48.12 13.64
N LYS A 344 3.97 -47.83 14.59
CA LYS A 344 3.64 -46.86 15.63
C LYS A 344 3.63 -45.43 15.11
N VAL A 345 4.38 -45.18 14.02
CA VAL A 345 4.43 -43.87 13.38
C VAL A 345 3.07 -43.55 12.77
N LYS A 346 2.39 -44.59 12.26
CA LYS A 346 1.09 -44.42 11.62
C LYS A 346 0.04 -43.93 12.61
N ASP A 347 0.08 -44.44 13.84
CA ASP A 347 -0.83 -43.94 14.88
C ASP A 347 -0.36 -42.61 15.46
N ALA A 348 0.96 -42.38 15.51
CA ALA A 348 1.48 -41.13 16.03
C ALA A 348 1.11 -39.95 15.15
N LEU A 349 1.05 -40.16 13.82
CA LEU A 349 0.62 -39.09 12.92
C LEU A 349 -0.81 -38.65 13.22
N GLU A 350 -1.72 -39.60 13.37
CA GLU A 350 -3.12 -39.26 13.63
C GLU A 350 -3.29 -38.69 15.04
N PHE A 351 -2.50 -39.16 16.01
CA PHE A 351 -2.56 -38.61 17.36
C PHE A 351 -2.11 -37.15 17.39
N TRP A 352 -0.92 -36.87 16.84
CA TRP A 352 -0.40 -35.51 16.91
C TRP A 352 -1.08 -34.56 15.94
N LEU A 353 -1.74 -35.07 14.90
CA LEU A 353 -2.55 -34.19 14.06
C LEU A 353 -3.82 -33.78 14.79
N GLN A 354 -4.39 -34.68 15.58
CA GLN A 354 -5.52 -34.31 16.44
C GLN A 354 -5.08 -33.37 17.55
N ALA A 355 -3.82 -33.50 18.00
CA ALA A 355 -3.29 -32.57 18.98
C ALA A 355 -3.12 -31.16 18.40
N GLY A 356 -2.83 -31.06 17.11
CA GLY A 356 -2.83 -29.77 16.45
C GLY A 356 -1.51 -29.30 15.88
N VAL A 357 -0.62 -30.23 15.52
CA VAL A 357 0.62 -29.84 14.86
C VAL A 357 0.33 -29.53 13.40
N ASP A 358 1.31 -28.91 12.74
CA ASP A 358 1.16 -28.49 11.36
C ASP A 358 1.96 -29.34 10.39
N GLY A 359 2.75 -30.28 10.87
CA GLY A 359 3.56 -31.09 9.98
C GLY A 359 4.40 -32.06 10.77
N PHE A 360 5.18 -32.85 10.03
CA PHE A 360 6.05 -33.84 10.63
C PHE A 360 7.37 -33.87 9.88
N GLN A 361 8.39 -34.41 10.55
CA GLN A 361 9.67 -34.66 9.92
C GLN A 361 10.17 -36.03 10.34
N VAL A 362 10.75 -36.75 9.38
CA VAL A 362 11.44 -38.01 9.64
C VAL A 362 12.83 -37.91 9.05
N ARG A 363 13.84 -38.20 9.85
CA ARG A 363 15.22 -38.11 9.42
C ARG A 363 15.79 -39.51 9.22
N ASP A 364 16.92 -39.55 8.49
CA ASP A 364 17.75 -40.75 8.30
C ASP A 364 16.96 -41.90 7.66
N ILE A 365 16.22 -41.59 6.60
CA ILE A 365 15.38 -42.60 5.97
C ILE A 365 16.15 -43.55 5.07
N GLU A 366 17.45 -43.33 4.89
CA GLU A 366 18.29 -44.30 4.19
C GLU A 366 18.56 -45.54 5.02
N ASN A 367 18.34 -45.49 6.33
CA ASN A 367 18.39 -46.65 7.19
C ASN A 367 17.03 -47.32 7.32
N LEU A 368 16.03 -46.83 6.62
CA LEU A 368 14.69 -47.41 6.67
C LEU A 368 14.52 -48.41 5.53
N LYS A 369 14.19 -49.64 5.88
CA LYS A 369 13.88 -50.64 4.87
C LYS A 369 12.51 -50.36 4.28
N ASP A 370 12.39 -50.53 2.95
CA ASP A 370 11.18 -50.28 2.17
C ASP A 370 10.74 -48.83 2.31
N ALA A 371 11.67 -47.91 2.01
CA ALA A 371 11.51 -46.52 2.42
C ALA A 371 10.50 -45.79 1.56
N SER A 372 10.53 -46.00 0.25
CA SER A 372 9.74 -45.18 -0.66
C SER A 372 8.26 -45.49 -0.59
N SER A 373 7.90 -46.68 -0.09
CA SER A 373 6.49 -47.08 -0.01
C SER A 373 5.90 -46.83 1.36
N PHE A 374 6.69 -46.31 2.30
CA PHE A 374 6.18 -45.84 3.58
C PHE A 374 5.90 -44.35 3.59
N LEU A 375 6.73 -43.58 2.89
CA LEU A 375 6.54 -42.14 2.80
C LEU A 375 5.26 -41.81 2.04
N ALA A 376 4.88 -42.63 1.07
CA ALA A 376 3.63 -42.40 0.36
C ALA A 376 2.42 -42.60 1.26
N GLU A 377 2.46 -43.61 2.13
CA GLU A 377 1.36 -43.84 3.06
C GLU A 377 1.28 -42.74 4.11
N TRP A 378 2.42 -42.33 4.66
CA TRP A 378 2.43 -41.24 5.63
C TRP A 378 2.03 -39.90 5.01
N GLN A 379 2.45 -39.65 3.78
CA GLN A 379 2.02 -38.47 3.04
C GLN A 379 0.53 -38.52 2.74
N ASN A 380 -0.01 -39.71 2.50
CA ASN A 380 -1.45 -39.88 2.30
C ASN A 380 -2.23 -39.52 3.54
N ILE A 381 -1.78 -39.99 4.71
CA ILE A 381 -2.48 -39.67 5.96
C ILE A 381 -2.38 -38.18 6.27
N THR A 382 -1.19 -37.61 6.06
CA THR A 382 -0.96 -36.20 6.35
C THR A 382 -1.75 -35.29 5.42
N LYS A 383 -1.94 -35.69 4.17
CA LYS A 383 -2.77 -34.91 3.26
C LYS A 383 -4.26 -35.19 3.46
N GLY A 384 -4.60 -36.40 3.92
CA GLY A 384 -6.00 -36.72 4.14
C GLY A 384 -6.57 -36.07 5.37
N PHE A 385 -5.71 -35.67 6.31
CA PHE A 385 -6.22 -34.81 7.38
C PHE A 385 -6.53 -33.42 6.84
N SER A 386 -5.58 -32.78 6.17
CA SER A 386 -5.78 -31.48 5.55
C SER A 386 -4.75 -31.30 4.46
N GLU A 387 -5.05 -30.38 3.53
CA GLU A 387 -4.13 -30.04 2.47
C GLU A 387 -3.07 -29.04 2.92
N ASP A 388 -3.23 -28.44 4.09
CA ASP A 388 -2.26 -27.50 4.64
C ASP A 388 -1.34 -28.16 5.67
N ARG A 389 -0.96 -29.42 5.44
CA ARG A 389 -0.08 -30.16 6.32
C ARG A 389 1.14 -30.61 5.55
N LEU A 390 2.30 -30.52 6.19
CA LEU A 390 3.58 -30.76 5.55
C LEU A 390 4.16 -32.09 6.02
N LEU A 391 5.00 -32.70 5.18
CA LEU A 391 5.80 -33.85 5.59
C LEU A 391 7.19 -33.68 4.99
N ILE A 392 8.20 -33.65 5.86
CA ILE A 392 9.59 -33.51 5.44
C ILE A 392 10.30 -34.83 5.69
N ALA A 393 11.13 -35.24 4.74
CA ALA A 393 11.97 -36.42 4.90
C ALA A 393 13.43 -36.02 4.75
N GLY A 394 14.30 -36.70 5.48
CA GLY A 394 15.70 -36.35 5.45
C GLY A 394 16.65 -37.50 5.22
N THR A 395 17.56 -37.35 4.26
CA THR A 395 18.58 -38.33 3.96
C THR A 395 19.96 -37.75 4.25
N ASN A 396 20.98 -38.60 4.19
CA ASN A 396 22.36 -38.13 4.17
C ASN A 396 22.99 -38.34 2.80
N SER A 397 22.17 -38.59 1.79
CA SER A 397 22.63 -38.90 0.46
C SER A 397 23.13 -37.65 -0.26
N SER A 398 24.02 -37.88 -1.22
CA SER A 398 24.46 -36.85 -2.15
C SER A 398 24.28 -37.25 -3.59
N ASP A 399 23.84 -38.48 -3.86
CA ASP A 399 23.61 -38.96 -5.20
C ASP A 399 22.29 -38.42 -5.72
N LEU A 400 22.26 -37.97 -6.97
CA LEU A 400 21.05 -37.38 -7.52
C LEU A 400 19.99 -38.44 -7.81
N GLN A 401 20.42 -39.61 -8.29
CA GLN A 401 19.47 -40.64 -8.68
C GLN A 401 18.80 -41.30 -7.48
N GLN A 402 19.51 -41.42 -6.36
CA GLN A 402 18.87 -41.90 -5.13
C GLN A 402 17.85 -40.92 -4.58
N ILE A 403 18.02 -39.63 -4.86
CA ILE A 403 17.03 -38.62 -4.47
C ILE A 403 15.82 -38.70 -5.39
N LEU A 404 16.05 -38.78 -6.70
CA LEU A 404 14.95 -38.85 -7.66
C LEU A 404 14.18 -40.15 -7.53
N SER A 405 14.83 -41.22 -7.07
CA SER A 405 14.12 -42.48 -6.85
C SER A 405 13.18 -42.37 -5.67
N LEU A 406 13.56 -41.61 -4.64
CA LEU A 406 12.63 -41.33 -3.56
C LEU A 406 11.56 -40.34 -3.98
N LEU A 407 11.81 -39.54 -5.02
CA LEU A 407 10.83 -38.58 -5.51
C LEU A 407 10.09 -39.05 -6.75
N GLU A 408 9.90 -40.37 -6.91
CA GLU A 408 9.20 -40.86 -8.09
C GLU A 408 7.69 -40.74 -7.93
N SER A 409 7.11 -41.49 -6.98
CA SER A 409 5.69 -41.44 -6.75
C SER A 409 5.27 -40.29 -5.85
N ASN A 410 6.20 -39.76 -5.05
CA ASN A 410 5.95 -38.60 -4.23
C ASN A 410 6.42 -37.35 -4.97
N LYS A 411 5.59 -36.31 -4.96
CA LYS A 411 5.98 -35.03 -5.54
C LYS A 411 5.72 -33.85 -4.63
N ASP A 412 4.76 -33.92 -3.72
CA ASP A 412 4.56 -32.88 -2.72
C ASP A 412 5.35 -33.12 -1.44
N LEU A 413 6.25 -34.11 -1.45
CA LEU A 413 7.10 -34.39 -0.30
C LEU A 413 8.30 -33.46 -0.29
N LEU A 414 8.55 -32.83 0.85
CA LEU A 414 9.78 -32.05 1.02
C LEU A 414 10.91 -32.98 1.43
N LEU A 415 12.08 -32.76 0.82
CA LEU A 415 13.21 -33.66 1.05
C LEU A 415 14.46 -32.83 1.28
N THR A 416 15.07 -32.97 2.46
CA THR A 416 16.33 -32.34 2.77
C THR A 416 17.43 -33.38 2.69
N SER A 417 18.55 -33.02 2.06
CA SER A 417 19.62 -33.98 1.82
C SER A 417 20.95 -33.24 1.88
N SER A 418 22.01 -33.95 1.48
CA SER A 418 23.35 -33.38 1.42
C SER A 418 23.80 -33.17 -0.01
N TYR A 419 22.87 -32.76 -0.88
CA TYR A 419 23.15 -32.67 -2.30
C TYR A 419 24.07 -31.48 -2.62
N LEU A 420 24.00 -30.43 -1.82
CA LEU A 420 24.86 -29.28 -2.01
C LEU A 420 26.05 -29.26 -1.06
N SER A 421 26.13 -30.23 -0.14
CA SER A 421 27.24 -30.26 0.82
C SER A 421 28.49 -30.85 0.20
N ASP A 422 28.39 -31.41 -1.01
CA ASP A 422 29.48 -32.05 -1.73
C ASP A 422 30.67 -31.13 -1.98
N SER A 423 30.46 -30.07 -2.75
CA SER A 423 31.56 -29.23 -3.22
C SER A 423 31.05 -27.85 -3.58
N GLY A 424 31.84 -27.12 -4.37
CA GLY A 424 31.55 -25.71 -4.62
C GLY A 424 32.74 -24.81 -4.41
N SER A 425 33.94 -25.37 -4.58
CA SER A 425 35.14 -24.55 -4.67
C SER A 425 35.09 -23.64 -5.89
N THR A 426 34.48 -24.10 -6.98
CA THR A 426 34.19 -23.25 -8.12
C THR A 426 32.70 -23.00 -8.21
N GLY A 427 32.34 -21.95 -8.93
CA GLY A 427 30.95 -21.56 -9.10
C GLY A 427 30.22 -22.35 -10.17
N GLU A 428 30.96 -22.83 -11.17
CA GLU A 428 30.36 -23.64 -12.22
C GLU A 428 29.93 -25.01 -11.72
N HIS A 429 30.48 -25.47 -10.60
CA HIS A 429 29.99 -26.70 -9.99
C HIS A 429 28.66 -26.50 -9.28
N THR A 430 28.52 -25.42 -8.52
CA THR A 430 27.26 -25.11 -7.84
C THR A 430 26.16 -24.76 -8.84
N LYS A 431 26.52 -24.04 -9.90
CA LYS A 431 25.58 -23.71 -10.96
C LYS A 431 25.04 -24.96 -11.65
N SER A 432 25.91 -25.89 -12.02
CA SER A 432 25.51 -27.16 -12.59
C SER A 432 24.70 -28.00 -11.62
N LEU A 433 25.05 -27.98 -10.33
CA LEU A 433 24.31 -28.75 -9.34
C LEU A 433 22.89 -28.22 -9.14
N VAL A 434 22.70 -26.91 -9.18
CA VAL A 434 21.36 -26.35 -9.06
C VAL A 434 20.56 -26.60 -10.34
N THR A 435 21.17 -26.34 -11.50
CA THR A 435 20.43 -26.41 -12.75
C THR A 435 20.10 -27.85 -13.14
N GLN A 436 20.98 -28.80 -12.82
CA GLN A 436 20.69 -30.19 -13.14
C GLN A 436 19.59 -30.75 -12.25
N TYR A 437 19.53 -30.31 -10.99
CA TYR A 437 18.44 -30.72 -10.12
C TYR A 437 17.11 -30.14 -10.58
N LEU A 438 17.11 -28.85 -10.96
CA LEU A 438 15.87 -28.23 -11.44
C LEU A 438 15.44 -28.81 -12.79
N ASN A 439 16.40 -29.24 -13.61
CA ASN A 439 16.09 -29.86 -14.89
C ASN A 439 15.53 -31.27 -14.71
N ALA A 440 16.20 -32.09 -13.90
CA ALA A 440 15.80 -33.48 -13.74
C ALA A 440 14.54 -33.62 -12.91
N THR A 441 14.22 -32.65 -12.06
CA THR A 441 12.99 -32.69 -11.30
C THR A 441 11.79 -32.20 -12.10
N GLY A 442 11.97 -31.18 -12.92
CA GLY A 442 10.89 -30.64 -13.71
C GLY A 442 10.38 -29.30 -13.24
N ASN A 443 11.24 -28.48 -12.63
CA ASN A 443 10.94 -27.18 -12.05
C ASN A 443 9.82 -27.25 -11.01
N ARG A 444 9.79 -28.32 -10.24
CA ARG A 444 8.82 -28.48 -9.18
C ARG A 444 9.31 -27.78 -7.91
N TRP A 445 8.45 -27.72 -6.90
CA TRP A 445 8.80 -27.06 -5.65
C TRP A 445 9.71 -27.95 -4.83
N CYS A 446 10.85 -27.41 -4.43
CA CYS A 446 11.86 -28.17 -3.70
C CYS A 446 12.27 -27.39 -2.45
N SER A 447 13.14 -27.99 -1.66
CA SER A 447 13.71 -27.35 -0.49
C SER A 447 15.22 -27.26 -0.66
N TRP A 448 15.76 -26.10 -0.32
CA TRP A 448 17.18 -25.83 -0.47
C TRP A 448 17.83 -25.78 0.91
N SER A 449 18.87 -26.58 1.08
CA SER A 449 19.55 -26.71 2.36
C SER A 449 20.98 -27.14 2.08
N LEU A 450 21.74 -27.34 3.15
CA LEU A 450 23.05 -27.95 3.02
C LEU A 450 23.14 -29.30 3.71
N SER A 451 22.25 -29.62 4.63
CA SER A 451 22.23 -30.92 5.29
C SER A 451 20.83 -31.18 5.80
N GLN A 452 20.68 -32.24 6.59
CA GLN A 452 19.42 -32.52 7.24
C GLN A 452 19.41 -32.09 8.71
N ALA A 453 20.56 -32.11 9.40
CA ALA A 453 20.60 -31.64 10.77
C ALA A 453 21.89 -30.92 11.13
N ARG A 454 22.59 -30.33 10.16
CA ARG A 454 23.88 -29.72 10.43
C ARG A 454 23.86 -28.23 10.15
N LEU A 455 24.84 -27.53 10.71
CA LEU A 455 25.00 -26.10 10.52
C LEU A 455 25.69 -25.80 9.20
N LEU A 456 25.70 -24.51 8.84
CA LEU A 456 26.41 -24.11 7.63
C LEU A 456 27.91 -24.11 7.85
N THR A 457 28.36 -23.90 9.09
CA THR A 457 29.78 -23.84 9.41
C THR A 457 30.41 -25.23 9.51
N SER A 458 29.62 -26.28 9.45
CA SER A 458 30.16 -27.63 9.40
C SER A 458 30.69 -28.01 8.02
N PHE A 459 30.36 -27.22 7.00
CA PHE A 459 30.75 -27.51 5.63
C PHE A 459 31.46 -26.36 4.93
N LEU A 460 31.32 -25.13 5.40
CA LEU A 460 31.85 -23.98 4.71
C LEU A 460 32.90 -23.28 5.57
N PRO A 461 33.93 -22.69 4.96
CA PRO A 461 34.77 -21.76 5.70
C PRO A 461 34.02 -20.47 6.01
N ALA A 462 34.58 -19.68 6.92
CA ALA A 462 33.90 -18.53 7.48
C ALA A 462 33.78 -17.36 6.51
N GLN A 463 34.49 -17.42 5.38
CA GLN A 463 34.42 -16.37 4.38
C GLN A 463 33.36 -16.64 3.31
N LEU A 464 32.67 -17.77 3.38
CA LEU A 464 31.63 -18.10 2.43
C LEU A 464 30.25 -18.16 3.08
N LEU A 465 30.09 -17.68 4.31
CA LEU A 465 28.81 -17.81 4.99
C LEU A 465 27.81 -16.77 4.52
N ARG A 466 28.27 -15.65 3.98
CA ARG A 466 27.34 -14.65 3.46
C ARG A 466 26.87 -15.01 2.06
N LEU A 467 27.75 -15.63 1.27
CA LEU A 467 27.41 -15.97 -0.11
C LEU A 467 26.36 -17.08 -0.17
N TYR A 468 26.49 -18.09 0.67
CA TYR A 468 25.49 -19.15 0.69
C TYR A 468 24.18 -18.70 1.32
N GLN A 469 24.21 -17.74 2.25
CA GLN A 469 22.97 -17.18 2.77
C GLN A 469 22.27 -16.31 1.72
N LEU A 470 23.04 -15.64 0.88
CA LEU A 470 22.42 -14.93 -0.24
C LEU A 470 21.88 -15.90 -1.28
N MET A 471 22.54 -17.04 -1.46
CA MET A 471 22.09 -18.01 -2.46
C MET A 471 20.83 -18.74 -2.03
N LEU A 472 20.76 -19.18 -0.77
CA LEU A 472 19.63 -19.99 -0.33
C LEU A 472 18.35 -19.20 -0.17
N PHE A 473 18.42 -17.88 -0.06
CA PHE A 473 17.22 -17.07 0.09
C PHE A 473 16.65 -16.61 -1.25
N THR A 474 17.31 -16.89 -2.36
CA THR A 474 16.86 -16.44 -3.67
C THR A 474 16.73 -17.57 -4.68
N LEU A 475 16.78 -18.80 -4.26
CA LEU A 475 16.56 -19.94 -5.13
C LEU A 475 15.10 -20.38 -5.05
N PRO A 476 14.53 -20.96 -6.12
CA PRO A 476 13.08 -21.25 -6.09
C PRO A 476 12.68 -22.45 -5.25
N GLY A 477 12.49 -22.22 -3.96
CA GLY A 477 12.07 -23.29 -3.09
C GLY A 477 11.92 -22.80 -1.68
N THR A 478 11.98 -23.73 -0.75
CA THR A 478 11.90 -23.41 0.66
C THR A 478 13.28 -23.51 1.29
N PRO A 479 13.84 -22.44 1.83
CA PRO A 479 15.14 -22.56 2.50
C PRO A 479 14.95 -23.08 3.93
N VAL A 480 15.81 -24.02 4.32
CA VAL A 480 15.76 -24.64 5.65
C VAL A 480 17.09 -24.40 6.33
N PHE A 481 17.05 -23.91 7.57
CA PHE A 481 18.24 -23.61 8.34
C PHE A 481 18.17 -24.31 9.70
N SER A 482 19.33 -24.49 10.31
CA SER A 482 19.44 -24.94 11.68
C SER A 482 19.58 -23.73 12.60
N TYR A 483 19.48 -23.96 13.91
CA TYR A 483 19.57 -22.87 14.86
C TYR A 483 21.02 -22.40 14.98
N GLY A 484 21.21 -21.09 14.94
CA GLY A 484 22.53 -20.51 14.99
C GLY A 484 23.18 -20.25 13.65
N ASP A 485 22.51 -20.59 12.54
CA ASP A 485 23.05 -20.31 11.21
C ASP A 485 22.95 -18.83 10.85
N GLU A 486 22.16 -18.05 11.58
CA GLU A 486 22.05 -16.62 11.35
C GLU A 486 23.12 -15.81 12.05
N ILE A 487 23.79 -16.39 13.05
CA ILE A 487 24.92 -15.75 13.70
C ILE A 487 26.23 -16.44 13.37
N GLY A 488 26.21 -17.47 12.54
CA GLY A 488 27.41 -18.20 12.21
C GLY A 488 27.95 -19.00 13.38
N LEU A 489 27.09 -19.73 14.08
CA LEU A 489 27.46 -20.45 15.28
C LEU A 489 28.39 -21.61 14.95
N ASP A 490 29.67 -21.45 15.26
CA ASP A 490 30.66 -22.47 14.98
C ASP A 490 30.85 -23.34 16.21
N ALA A 491 30.89 -24.66 15.99
CA ALA A 491 31.05 -25.60 17.09
C ALA A 491 32.53 -25.88 17.39
N ALA A 492 33.37 -25.82 16.35
CA ALA A 492 34.78 -26.12 16.52
C ALA A 492 35.59 -24.87 16.90
N ALA A 493 34.91 -23.74 17.09
CA ALA A 493 35.60 -22.51 17.43
C ALA A 493 35.54 -22.24 18.93
N LEU A 494 35.32 -23.29 19.71
CA LEU A 494 35.24 -23.22 21.16
C LEU A 494 35.84 -24.49 21.74
N PRO A 495 36.15 -24.55 23.05
CA PRO A 495 36.58 -25.82 23.65
C PRO A 495 35.46 -26.84 23.77
N GLY A 496 35.76 -27.97 24.42
CA GLY A 496 35.01 -29.23 24.39
C GLY A 496 33.50 -29.19 24.44
N GLN A 497 32.89 -29.70 23.38
CA GLN A 497 31.48 -29.49 23.08
C GLN A 497 31.06 -30.47 21.99
N PRO A 498 29.88 -31.07 22.08
CA PRO A 498 29.40 -31.93 20.98
C PRO A 498 29.05 -31.13 19.74
N MET A 499 29.39 -31.69 18.59
CA MET A 499 29.13 -31.05 17.30
C MET A 499 27.69 -31.23 16.85
N GLU A 500 26.90 -32.05 17.55
CA GLU A 500 25.49 -32.19 17.26
C GLU A 500 24.61 -31.26 18.08
N ALA A 501 25.13 -30.63 19.11
CA ALA A 501 24.36 -29.67 19.89
C ALA A 501 25.24 -28.58 20.47
N PRO A 502 25.66 -27.60 19.68
CA PRO A 502 26.40 -26.47 20.25
C PRO A 502 25.47 -25.56 21.04
N VAL A 503 26.06 -24.81 21.98
CA VAL A 503 25.31 -23.90 22.83
C VAL A 503 25.03 -22.63 22.04
N MET A 504 23.77 -22.21 22.02
CA MET A 504 23.41 -20.95 21.37
C MET A 504 23.90 -19.78 22.20
N LEU A 505 24.59 -18.85 21.56
CA LEU A 505 25.23 -17.73 22.24
C LEU A 505 24.25 -16.56 22.25
N TRP A 506 23.35 -16.55 23.22
CA TRP A 506 22.36 -15.48 23.35
C TRP A 506 23.02 -14.17 23.76
N ASP A 507 23.66 -14.16 24.93
CA ASP A 507 24.39 -13.02 25.42
C ASP A 507 25.85 -13.40 25.68
N GLU A 508 26.61 -12.49 26.26
CA GLU A 508 28.01 -12.73 26.57
C GLU A 508 28.20 -13.74 27.70
N SER A 509 27.20 -13.91 28.57
CA SER A 509 27.27 -14.86 29.67
C SER A 509 26.69 -16.23 29.33
N SER A 510 26.66 -16.61 28.06
CA SER A 510 26.02 -17.86 27.66
C SER A 510 26.87 -19.08 27.99
N PHE A 511 28.07 -19.16 27.42
CA PHE A 511 28.95 -20.30 27.61
C PHE A 511 29.59 -20.23 29.00
N PRO A 512 29.15 -21.07 29.95
CA PRO A 512 29.53 -20.88 31.36
C PRO A 512 30.98 -21.16 31.69
N ASP A 513 31.47 -22.36 31.37
CA ASP A 513 32.85 -22.71 31.68
C ASP A 513 33.78 -22.27 30.56
N ILE A 514 35.08 -22.17 30.88
CA ILE A 514 36.08 -21.39 30.17
C ILE A 514 35.52 -19.99 29.97
N PRO A 515 35.42 -19.15 31.01
CA PRO A 515 34.82 -17.83 30.83
C PRO A 515 35.81 -16.84 30.24
N GLY A 516 35.53 -16.38 29.03
CA GLY A 516 36.47 -15.52 28.33
C GLY A 516 36.88 -16.10 26.99
N ALA A 517 36.06 -17.01 26.48
CA ALA A 517 36.25 -17.54 25.14
C ALA A 517 35.27 -16.98 24.11
N VAL A 518 34.10 -16.52 24.53
CA VAL A 518 33.15 -15.87 23.64
C VAL A 518 33.60 -14.44 23.41
N SER A 519 32.99 -13.77 22.42
CA SER A 519 33.35 -12.39 22.14
C SER A 519 32.09 -11.55 21.96
N ALA A 520 32.25 -10.32 21.49
CA ALA A 520 31.12 -9.44 21.21
C ALA A 520 30.48 -9.71 19.87
N ASN A 521 31.27 -10.07 18.86
CA ASN A 521 30.78 -10.36 17.54
C ASN A 521 30.35 -11.81 17.36
N MET A 522 30.36 -12.60 18.44
CA MET A 522 30.01 -14.00 18.39
C MET A 522 28.63 -14.29 18.95
N THR A 523 27.93 -13.28 19.45
CA THR A 523 26.69 -13.47 20.20
C THR A 523 25.54 -12.80 19.46
N VAL A 524 24.32 -13.03 19.97
CA VAL A 524 23.12 -12.53 19.31
C VAL A 524 23.00 -11.02 19.52
N LYS A 525 23.05 -10.59 20.79
CA LYS A 525 22.81 -9.17 21.10
C LYS A 525 23.97 -8.30 20.64
N GLY A 526 25.17 -8.87 20.55
CA GLY A 526 26.28 -8.12 19.98
C GLY A 526 26.14 -7.95 18.48
N GLN A 527 25.52 -8.91 17.81
CA GLN A 527 25.29 -8.85 16.38
C GLN A 527 23.95 -8.24 16.01
N SER A 528 23.09 -7.97 17.00
CA SER A 528 21.78 -7.38 16.75
C SER A 528 21.82 -5.87 16.69
N GLU A 529 23.00 -5.27 16.64
CA GLU A 529 23.13 -3.81 16.57
C GLU A 529 23.97 -3.41 15.37
N ASP A 530 24.93 -4.26 14.99
CA ASP A 530 25.86 -3.99 13.90
C ASP A 530 25.14 -4.10 12.56
N PRO A 531 25.12 -3.04 11.75
CA PRO A 531 24.47 -3.15 10.43
C PRO A 531 25.25 -3.98 9.43
N GLY A 532 26.56 -4.13 9.63
CA GLY A 532 27.36 -4.94 8.73
C GLY A 532 27.61 -6.32 9.29
N SER A 533 26.66 -6.82 10.08
CA SER A 533 26.78 -8.12 10.70
C SER A 533 26.20 -9.22 9.81
N LEU A 534 26.18 -10.43 10.35
CA LEU A 534 25.59 -11.59 9.69
C LEU A 534 24.11 -11.71 9.97
N LEU A 535 23.70 -11.48 11.22
CA LEU A 535 22.30 -11.46 11.60
C LEU A 535 21.53 -10.35 10.90
N SER A 536 22.15 -9.21 10.66
CA SER A 536 21.53 -8.15 9.90
C SER A 536 21.33 -8.52 8.44
N LEU A 537 22.27 -9.27 7.87
CA LEU A 537 22.11 -9.78 6.51
C LEU A 537 20.99 -10.81 6.42
N PHE A 538 20.90 -11.69 7.42
CA PHE A 538 19.83 -12.67 7.49
C PHE A 538 18.47 -11.97 7.60
N ARG A 539 18.38 -10.94 8.43
CA ARG A 539 17.13 -10.21 8.57
C ARG A 539 16.79 -9.39 7.34
N ARG A 540 17.79 -8.91 6.61
CA ARG A 540 17.52 -8.15 5.39
C ARG A 540 17.18 -9.04 4.22
N LEU A 541 17.54 -10.32 4.28
CA LEU A 541 17.14 -11.25 3.23
C LEU A 541 15.78 -11.89 3.53
N SER A 542 15.53 -12.17 4.81
CA SER A 542 14.34 -12.92 5.19
C SER A 542 13.05 -12.11 5.09
N ASP A 543 13.13 -10.78 5.03
CA ASP A 543 11.93 -10.02 4.76
C ASP A 543 11.71 -9.78 3.28
N GLN A 544 12.79 -9.77 2.49
CA GLN A 544 12.62 -9.70 1.04
C GLN A 544 12.08 -11.00 0.47
N ARG A 545 12.44 -12.13 1.10
CA ARG A 545 11.96 -13.42 0.62
C ARG A 545 10.46 -13.59 0.86
N SER A 546 9.95 -13.08 1.97
CA SER A 546 8.56 -13.29 2.34
C SER A 546 7.61 -12.20 1.85
N LYS A 547 8.11 -11.20 1.12
CA LYS A 547 7.27 -10.07 0.73
C LYS A 547 7.18 -9.91 -0.78
N GLU A 548 8.32 -9.95 -1.47
CA GLU A 548 8.36 -9.67 -2.89
C GLU A 548 7.77 -10.83 -3.69
N ARG A 549 7.00 -10.48 -4.73
CA ARG A 549 6.21 -11.47 -5.44
C ARG A 549 7.05 -12.32 -6.38
N SER A 550 8.10 -11.76 -6.98
CA SER A 550 8.92 -12.53 -7.90
C SER A 550 9.95 -13.38 -7.18
N LEU A 551 10.02 -13.31 -5.86
CA LEU A 551 10.80 -14.24 -5.08
C LEU A 551 9.96 -15.31 -4.39
N LEU A 552 8.65 -15.08 -4.25
CA LEU A 552 7.78 -16.08 -3.66
C LEU A 552 7.50 -17.22 -4.62
N HIS A 553 7.00 -16.88 -5.81
CA HIS A 553 6.70 -17.88 -6.82
C HIS A 553 7.15 -17.38 -8.18
N GLY A 554 8.34 -16.81 -8.23
CA GLY A 554 8.86 -16.29 -9.47
C GLY A 554 9.51 -17.37 -10.32
N ASP A 555 9.87 -16.98 -11.53
CA ASP A 555 10.54 -17.87 -12.45
C ASP A 555 12.03 -17.65 -12.41
N PHE A 556 12.76 -18.73 -12.65
CA PHE A 556 14.21 -18.81 -12.49
C PHE A 556 14.86 -18.90 -13.85
N HIS A 557 15.93 -18.13 -14.06
CA HIS A 557 16.72 -18.29 -15.27
C HIS A 557 18.17 -17.97 -14.97
N ALA A 558 19.04 -18.96 -15.12
CA ALA A 558 20.47 -18.74 -15.05
C ALA A 558 21.04 -18.50 -16.44
N PHE A 559 22.19 -17.84 -16.50
CA PHE A 559 22.79 -17.53 -17.78
C PHE A 559 24.29 -17.50 -17.63
N SER A 560 25.00 -17.59 -18.77
CA SER A 560 26.45 -17.68 -18.75
C SER A 560 27.07 -16.34 -18.37
N ALA A 561 28.20 -16.40 -17.69
CA ALA A 561 28.89 -15.22 -17.18
C ALA A 561 30.38 -15.45 -17.16
N GLY A 562 31.12 -14.63 -16.40
CA GLY A 562 32.54 -14.78 -16.24
C GLY A 562 32.95 -16.11 -15.62
N PRO A 563 34.22 -16.50 -15.83
CA PRO A 563 34.68 -17.84 -15.43
C PRO A 563 34.83 -18.02 -13.92
N GLY A 564 33.72 -18.34 -13.26
CA GLY A 564 33.73 -18.56 -11.82
C GLY A 564 32.52 -17.97 -11.13
N LEU A 565 31.64 -17.33 -11.89
CA LEU A 565 30.49 -16.64 -11.37
C LEU A 565 29.28 -17.55 -11.36
N PHE A 566 28.23 -17.09 -10.69
CA PHE A 566 26.91 -17.72 -10.73
C PHE A 566 25.90 -16.58 -10.75
N SER A 567 25.21 -16.41 -11.87
CA SER A 567 24.29 -15.30 -12.06
C SER A 567 22.93 -15.83 -12.48
N TYR A 568 21.87 -15.30 -11.88
CA TYR A 568 20.54 -15.72 -12.28
C TYR A 568 19.53 -14.60 -12.03
N ILE A 569 18.33 -14.81 -12.55
CA ILE A 569 17.27 -13.81 -12.59
C ILE A 569 15.98 -14.47 -12.11
N ARG A 570 15.28 -13.81 -11.19
CA ARG A 570 13.94 -14.19 -10.76
C ARG A 570 12.93 -13.16 -11.26
N HIS A 571 11.85 -13.65 -11.87
CA HIS A 571 10.85 -12.77 -12.48
C HIS A 571 9.49 -13.45 -12.49
N TRP A 572 8.46 -12.79 -11.96
CA TRP A 572 7.16 -13.46 -11.97
C TRP A 572 6.29 -13.06 -13.14
N ASP A 573 5.71 -11.86 -13.14
CA ASP A 573 4.85 -11.48 -14.25
C ASP A 573 5.14 -10.08 -14.76
N GLN A 574 4.97 -9.10 -13.87
CA GLN A 574 5.16 -7.69 -14.18
C GLN A 574 5.75 -6.95 -12.99
N ASN A 575 6.12 -7.66 -11.93
CA ASN A 575 6.60 -7.07 -10.71
C ASN A 575 8.09 -6.77 -10.82
N GLU A 576 8.73 -6.48 -9.68
CA GLU A 576 10.13 -6.11 -9.67
C GLU A 576 11.00 -7.33 -9.92
N ARG A 577 11.85 -7.24 -10.94
CA ARG A 577 12.74 -8.34 -11.31
C ARG A 577 14.02 -8.29 -10.50
N PHE A 578 14.50 -9.47 -10.11
CA PHE A 578 15.69 -9.57 -9.27
C PHE A 578 16.82 -10.27 -10.03
N LEU A 579 18.05 -9.79 -9.81
CA LEU A 579 19.24 -10.31 -10.45
C LEU A 579 20.30 -10.56 -9.38
N VAL A 580 20.78 -11.80 -9.30
CA VAL A 580 21.72 -12.23 -8.27
C VAL A 580 23.02 -12.61 -8.97
N VAL A 581 24.13 -12.05 -8.48
CA VAL A 581 25.47 -12.35 -8.99
C VAL A 581 26.34 -12.79 -7.82
N LEU A 582 26.98 -13.96 -7.97
CA LEU A 582 27.77 -14.55 -6.90
C LEU A 582 29.15 -14.92 -7.43
N ASN A 583 30.18 -14.71 -6.61
CA ASN A 583 31.58 -14.99 -6.97
C ASN A 583 32.12 -16.05 -6.02
N PHE A 584 32.12 -17.30 -6.48
CA PHE A 584 32.66 -18.42 -5.69
C PHE A 584 34.15 -18.64 -5.97
N GLY A 585 34.97 -17.60 -5.86
CA GLY A 585 36.39 -17.75 -6.13
C GLY A 585 37.23 -16.69 -5.46
N ASP A 586 38.56 -16.90 -5.38
CA ASP A 586 39.45 -15.95 -4.71
C ASP A 586 40.35 -15.31 -5.76
N VAL A 587 39.77 -14.37 -6.53
CA VAL A 587 40.39 -13.36 -7.40
C VAL A 587 39.31 -12.36 -7.75
N GLY A 588 39.69 -11.13 -8.06
CA GLY A 588 38.75 -10.12 -8.49
C GLY A 588 38.39 -10.31 -9.95
N LEU A 589 37.09 -10.38 -10.23
CA LEU A 589 36.59 -10.68 -11.56
C LEU A 589 35.73 -9.54 -12.09
N SER A 590 35.80 -9.36 -13.41
CA SER A 590 34.80 -8.61 -14.14
C SER A 590 33.65 -9.55 -14.50
N ALA A 591 32.43 -9.01 -14.51
CA ALA A 591 31.25 -9.86 -14.64
C ALA A 591 31.10 -10.38 -16.07
N GLY A 592 30.90 -9.47 -17.02
CA GLY A 592 30.67 -9.89 -18.39
C GLY A 592 29.37 -10.62 -18.59
N LEU A 593 28.25 -9.98 -18.25
CA LEU A 593 26.95 -10.64 -18.31
C LEU A 593 26.48 -10.76 -19.75
N GLN A 594 26.97 -11.76 -20.47
CA GLN A 594 26.51 -12.06 -21.82
C GLN A 594 25.20 -12.82 -21.67
N ALA A 595 24.09 -12.08 -21.68
CA ALA A 595 22.78 -12.68 -21.43
C ALA A 595 22.39 -13.66 -22.52
N SER A 596 22.02 -13.15 -23.70
CA SER A 596 21.94 -13.86 -24.99
C SER A 596 21.00 -15.07 -25.03
N ASP A 597 20.33 -15.43 -23.93
CA ASP A 597 19.44 -16.58 -23.93
C ASP A 597 18.20 -16.38 -23.07
N LEU A 598 18.01 -15.21 -22.48
CA LEU A 598 16.85 -14.96 -21.65
C LEU A 598 15.61 -14.78 -22.50
N PRO A 599 14.43 -15.02 -21.93
CA PRO A 599 13.19 -14.64 -22.62
C PRO A 599 13.10 -13.14 -22.81
N ALA A 600 12.38 -12.74 -23.87
CA ALA A 600 12.26 -11.33 -24.21
C ALA A 600 11.44 -10.54 -23.20
N SER A 601 10.60 -11.23 -22.43
CA SER A 601 9.83 -10.55 -21.37
C SER A 601 10.74 -10.06 -20.27
N ALA A 602 11.70 -10.89 -19.84
CA ALA A 602 12.57 -10.58 -18.72
C ALA A 602 14.02 -10.35 -19.13
N SER A 603 14.24 -9.69 -20.27
CA SER A 603 15.61 -9.41 -20.70
C SER A 603 16.25 -8.35 -19.81
N LEU A 604 17.58 -8.28 -19.86
CA LEU A 604 18.32 -7.40 -18.98
C LEU A 604 18.20 -5.95 -19.42
N PRO A 605 18.16 -5.01 -18.47
CA PRO A 605 18.20 -3.59 -18.83
C PRO A 605 19.61 -3.09 -19.00
N ALA A 606 19.77 -1.79 -19.20
CA ALA A 606 21.11 -1.20 -19.27
C ALA A 606 21.63 -0.80 -17.90
N LYS A 607 20.75 -0.36 -17.00
CA LYS A 607 21.16 0.12 -15.68
C LYS A 607 20.25 -0.49 -14.63
N ALA A 608 20.81 -1.32 -13.76
CA ALA A 608 20.08 -1.91 -12.65
C ALA A 608 20.49 -1.27 -11.33
N ASP A 609 19.59 -1.32 -10.36
CA ASP A 609 19.79 -0.71 -9.06
C ASP A 609 20.66 -1.61 -8.19
N LEU A 610 20.74 -1.31 -6.91
CA LEU A 610 21.41 -2.19 -5.96
C LEU A 610 20.58 -2.22 -4.68
N LEU A 611 20.43 -3.42 -4.12
CA LEU A 611 19.65 -3.59 -2.90
C LEU A 611 20.50 -3.88 -1.68
N LEU A 612 21.51 -4.74 -1.81
CA LEU A 612 22.48 -4.98 -0.75
C LEU A 612 23.74 -5.55 -1.37
N SER A 613 24.73 -5.79 -0.52
CA SER A 613 25.93 -6.52 -0.89
C SER A 613 26.45 -7.22 0.36
N THR A 614 27.19 -8.31 0.13
CA THR A 614 27.68 -9.09 1.26
C THR A 614 28.85 -8.40 1.95
N GLN A 615 29.66 -7.67 1.21
CA GLN A 615 30.84 -7.03 1.73
C GLN A 615 30.62 -5.54 1.93
N PRO A 616 31.25 -4.94 2.94
CA PRO A 616 31.16 -3.48 3.10
C PRO A 616 32.10 -2.75 2.16
N GLY A 617 31.65 -1.59 1.69
CA GLY A 617 32.41 -0.81 0.74
C GLY A 617 31.59 -0.46 -0.49
N ARG A 618 30.28 -0.61 -0.38
CA ARG A 618 29.33 -0.21 -1.40
C ARG A 618 28.20 0.54 -0.73
N GLU A 619 27.73 1.61 -1.36
CA GLU A 619 26.58 2.35 -0.87
C GLU A 619 25.35 1.88 -1.64
N GLU A 620 24.25 1.67 -0.93
CA GLU A 620 23.11 0.94 -1.47
C GLU A 620 22.03 1.90 -1.94
N GLY A 621 21.50 1.65 -3.13
CA GLY A 621 20.38 2.40 -3.67
C GLY A 621 20.64 3.08 -4.98
N SER A 622 21.88 3.33 -5.36
CA SER A 622 22.18 4.05 -6.60
C SER A 622 22.37 3.06 -7.74
N PRO A 623 21.88 3.35 -8.94
CA PRO A 623 21.96 2.38 -10.05
C PRO A 623 23.36 2.27 -10.61
N LEU A 624 23.82 1.05 -10.81
CA LEU A 624 25.02 0.79 -11.60
C LEU A 624 24.63 0.52 -13.04
N GLU A 625 25.57 0.04 -13.84
CA GLU A 625 25.26 -0.50 -15.15
C GLU A 625 26.08 -1.77 -15.37
N LEU A 626 25.44 -2.75 -15.99
CA LEU A 626 25.92 -4.14 -15.98
C LEU A 626 26.81 -4.41 -17.18
N GLU A 627 27.79 -3.53 -17.39
CA GLU A 627 28.75 -3.77 -18.46
C GLU A 627 30.17 -3.91 -17.92
N ARG A 628 30.65 -2.89 -17.19
CA ARG A 628 31.94 -2.98 -16.52
C ARG A 628 31.80 -3.37 -15.04
N LEU A 629 30.97 -4.37 -14.76
CA LEU A 629 30.64 -4.76 -13.40
C LEU A 629 31.80 -5.56 -12.81
N LYS A 630 32.38 -5.05 -11.74
CA LYS A 630 33.59 -5.61 -11.15
C LYS A 630 33.27 -6.13 -9.76
N LEU A 631 33.79 -7.31 -9.44
CA LEU A 631 33.49 -7.97 -8.17
C LEU A 631 34.78 -8.38 -7.47
N GLU A 632 34.93 -7.95 -6.22
CA GLU A 632 36.01 -8.42 -5.37
C GLU A 632 35.70 -9.85 -4.91
N PRO A 633 36.71 -10.59 -4.40
CA PRO A 633 36.46 -11.98 -3.97
C PRO A 633 35.41 -12.12 -2.88
N HIS A 634 34.61 -13.20 -3.01
CA HIS A 634 33.51 -13.55 -2.11
C HIS A 634 32.47 -12.45 -1.99
N GLU A 635 32.19 -11.77 -3.09
CA GLU A 635 31.15 -10.75 -3.12
C GLU A 635 29.88 -11.32 -3.72
N GLY A 636 28.73 -10.81 -3.25
CA GLY A 636 27.45 -11.18 -3.80
C GLY A 636 26.56 -9.96 -3.96
N LEU A 637 25.92 -9.83 -5.12
CA LEU A 637 25.13 -8.67 -5.45
C LEU A 637 23.69 -9.06 -5.74
N LEU A 638 22.77 -8.19 -5.32
CA LEU A 638 21.33 -8.41 -5.35
C LEU A 638 20.66 -7.25 -6.09
N LEU A 639 21.10 -7.05 -7.33
CA LEU A 639 20.58 -5.95 -8.14
C LEU A 639 19.11 -6.19 -8.50
N ARG A 640 18.41 -5.12 -8.82
CA ARG A 640 17.00 -5.27 -9.18
C ARG A 640 16.63 -4.24 -10.24
N PHE A 641 15.58 -4.55 -11.00
CA PHE A 641 15.18 -3.72 -12.12
C PHE A 641 13.72 -3.98 -12.43
N PRO A 642 12.95 -2.97 -12.83
CA PRO A 642 11.51 -3.14 -13.01
C PRO A 642 11.13 -3.62 -14.40
N TYR A 643 9.86 -3.97 -14.53
CA TYR A 643 9.30 -4.46 -15.79
C TYR A 643 9.20 -3.31 -16.78
N ALA A 644 9.89 -3.43 -17.91
CA ALA A 644 9.90 -2.39 -18.92
C ALA A 644 10.07 -3.05 -20.28
N ALA A 645 10.39 -2.23 -21.28
CA ALA A 645 10.59 -2.72 -22.65
C ALA A 645 11.63 -1.87 -23.38
N VAL B 64 -33.32 37.77 -15.37
CA VAL B 64 -32.63 36.49 -15.59
C VAL B 64 -31.60 36.27 -14.49
N THR B 65 -31.93 35.38 -13.56
CA THR B 65 -31.05 35.06 -12.44
C THR B 65 -30.85 33.54 -12.37
N LEU B 66 -30.27 33.06 -11.28
CA LEU B 66 -29.89 31.65 -11.19
C LEU B 66 -30.95 30.75 -10.57
N GLN B 67 -32.06 31.30 -10.05
CA GLN B 67 -33.28 30.55 -9.73
C GLN B 67 -33.11 29.43 -8.71
N ARG B 68 -32.95 29.79 -7.42
CA ARG B 68 -32.75 28.90 -6.27
C ARG B 68 -33.50 27.58 -6.28
N ASN B 69 -32.77 26.47 -6.09
CA ASN B 69 -33.35 25.13 -6.08
C ASN B 69 -32.87 24.25 -4.94
N ILE B 70 -31.82 24.63 -4.22
CA ILE B 70 -31.16 23.72 -3.28
C ILE B 70 -31.96 23.67 -1.98
N THR B 71 -32.36 22.46 -1.59
CA THR B 71 -33.15 22.24 -0.40
C THR B 71 -32.17 21.97 0.76
N LEU B 72 -32.64 21.54 1.92
CA LEU B 72 -31.77 21.14 3.02
C LEU B 72 -31.09 19.81 2.72
N LEU B 73 -31.85 18.82 2.26
CA LEU B 73 -31.29 17.51 1.97
C LEU B 73 -30.36 17.57 0.77
N ASN B 74 -30.62 18.48 -0.16
CA ASN B 74 -29.69 18.67 -1.28
C ASN B 74 -28.36 19.23 -0.81
N GLY B 75 -28.38 20.13 0.17
CA GLY B 75 -27.14 20.65 0.71
C GLY B 75 -26.37 19.61 1.51
N VAL B 76 -27.10 18.79 2.27
CA VAL B 76 -26.50 17.68 3.01
C VAL B 76 -25.85 16.70 2.04
N ALA B 77 -26.52 16.42 0.92
CA ALA B 77 -25.99 15.51 -0.07
C ALA B 77 -24.78 16.10 -0.78
N ILE B 78 -24.78 17.42 -0.99
CA ILE B 78 -23.67 18.12 -1.62
C ILE B 78 -22.42 18.00 -0.74
N ILE B 79 -22.57 18.28 0.55
CA ILE B 79 -21.40 18.26 1.44
C ILE B 79 -20.90 16.83 1.66
N VAL B 80 -21.83 15.89 1.88
CA VAL B 80 -21.45 14.51 2.15
C VAL B 80 -20.85 13.85 0.90
N GLY B 81 -21.45 14.08 -0.26
CA GLY B 81 -20.94 13.53 -1.49
C GLY B 81 -19.63 14.15 -1.94
N THR B 82 -19.40 15.42 -1.63
CA THR B 82 -18.14 16.03 -2.06
C THR B 82 -17.01 15.64 -1.12
N ILE B 83 -17.30 15.55 0.19
CA ILE B 83 -16.24 15.21 1.14
C ILE B 83 -15.86 13.73 1.00
N ILE B 84 -16.83 12.84 1.03
CA ILE B 84 -16.56 11.40 0.94
C ILE B 84 -16.31 11.10 -0.53
N GLY B 85 -15.05 11.20 -0.93
CA GLY B 85 -14.65 10.90 -2.29
C GLY B 85 -13.71 9.70 -2.35
N SER B 86 -12.43 9.98 -2.45
CA SER B 86 -11.39 8.97 -2.61
C SER B 86 -10.51 8.77 -1.39
N GLY B 87 -10.39 9.78 -0.52
CA GLY B 87 -9.44 9.77 0.57
C GLY B 87 -9.62 8.72 1.63
N ILE B 88 -10.84 8.18 1.76
CA ILE B 88 -11.11 7.16 2.75
C ILE B 88 -10.63 5.81 2.20
N PHE B 89 -10.36 5.75 0.90
CA PHE B 89 -9.87 4.53 0.28
C PHE B 89 -8.42 4.58 -0.16
N VAL B 90 -7.71 5.70 0.01
CA VAL B 90 -6.36 5.84 -0.52
C VAL B 90 -5.40 6.18 0.61
N THR B 91 -5.69 7.26 1.33
CA THR B 91 -4.87 7.83 2.39
C THR B 91 -4.52 7.03 3.67
N PRO B 92 -5.27 6.00 4.14
CA PRO B 92 -4.85 5.33 5.40
C PRO B 92 -3.46 4.72 5.43
N THR B 93 -2.92 4.30 4.27
CA THR B 93 -1.54 3.85 4.22
C THR B 93 -0.57 4.99 4.53
N GLY B 94 -0.87 6.18 4.02
CA GLY B 94 -0.01 7.32 4.29
C GLY B 94 -0.10 7.81 5.72
N VAL B 95 -1.24 7.59 6.37
CA VAL B 95 -1.37 7.98 7.77
C VAL B 95 -0.67 6.96 8.66
N LEU B 96 -0.80 5.66 8.35
CA LEU B 96 -0.11 4.63 9.11
C LEU B 96 1.40 4.65 8.90
N LYS B 97 1.86 5.11 7.75
CA LYS B 97 3.28 5.27 7.49
C LYS B 97 3.93 6.34 8.36
N GLU B 98 3.22 7.42 8.64
CA GLU B 98 3.77 8.53 9.42
C GLU B 98 3.40 8.48 10.90
N ALA B 99 2.36 7.73 11.28
CA ALA B 99 2.01 7.60 12.68
C ALA B 99 2.72 6.43 13.36
N GLY B 100 2.99 5.36 12.62
CA GLY B 100 3.66 4.18 13.16
C GLY B 100 2.76 3.19 13.86
N SER B 101 1.88 3.67 14.73
CA SER B 101 0.97 2.82 15.47
C SER B 101 -0.47 3.08 15.05
N PRO B 102 -1.33 2.05 15.09
CA PRO B 102 -2.74 2.27 14.72
C PRO B 102 -3.51 3.22 15.63
N GLY B 103 -3.18 3.24 16.92
CA GLY B 103 -3.87 4.16 17.83
C GLY B 103 -3.56 5.61 17.52
N LEU B 104 -2.33 5.88 17.10
CA LEU B 104 -1.98 7.23 16.66
C LEU B 104 -2.70 7.58 15.36
N ALA B 105 -2.95 6.60 14.50
CA ALA B 105 -3.73 6.83 13.29
C ALA B 105 -5.17 7.21 13.64
N LEU B 106 -5.78 6.50 14.58
CA LEU B 106 -7.15 6.80 14.96
C LEU B 106 -7.28 8.15 15.65
N VAL B 107 -6.31 8.53 16.47
CA VAL B 107 -6.41 9.85 17.11
C VAL B 107 -6.13 10.96 16.11
N VAL B 108 -5.32 10.68 15.07
CA VAL B 108 -5.13 11.65 13.99
C VAL B 108 -6.43 11.85 13.21
N TRP B 109 -7.13 10.75 12.90
CA TRP B 109 -8.39 10.85 12.16
C TRP B 109 -9.45 11.61 12.97
N ALA B 110 -9.53 11.33 14.27
CA ALA B 110 -10.48 12.05 15.12
C ALA B 110 -10.10 13.52 15.29
N ALA B 111 -8.79 13.83 15.32
CA ALA B 111 -8.37 15.22 15.46
C ALA B 111 -8.69 16.03 14.22
N CYS B 112 -8.46 15.44 13.03
CA CYS B 112 -8.83 16.12 11.79
C CYS B 112 -10.35 16.29 11.69
N GLY B 113 -11.11 15.32 12.18
CA GLY B 113 -12.55 15.46 12.29
C GLY B 113 -13.03 16.64 13.13
N VAL B 114 -12.46 16.78 14.33
CA VAL B 114 -12.87 17.87 15.22
C VAL B 114 -12.42 19.22 14.66
N PHE B 115 -11.24 19.24 14.03
CA PHE B 115 -10.73 20.46 13.38
C PHE B 115 -11.66 20.93 12.26
N SER B 116 -12.12 19.98 11.43
CA SER B 116 -13.02 20.33 10.33
C SER B 116 -14.40 20.75 10.86
N ILE B 117 -14.85 20.17 11.96
CA ILE B 117 -16.13 20.56 12.56
C ILE B 117 -16.07 22.01 13.07
N VAL B 118 -14.96 22.38 13.71
CA VAL B 118 -14.82 23.74 14.26
C VAL B 118 -14.76 24.76 13.13
N GLY B 119 -13.98 24.44 12.08
CA GLY B 119 -13.93 25.32 10.92
C GLY B 119 -15.25 25.45 10.19
N ALA B 120 -16.04 24.38 10.17
CA ALA B 120 -17.35 24.45 9.53
C ALA B 120 -18.33 25.28 10.33
N LEU B 121 -18.22 25.29 11.67
CA LEU B 121 -19.05 26.19 12.46
C LEU B 121 -18.70 27.66 12.20
N CYS B 122 -17.39 27.95 12.11
CA CYS B 122 -16.98 29.33 11.78
C CYS B 122 -17.44 29.74 10.39
N TYR B 123 -17.40 28.81 9.42
CA TYR B 123 -17.84 29.16 8.08
C TYR B 123 -19.36 29.26 7.98
N ALA B 124 -20.09 28.55 8.84
CA ALA B 124 -21.54 28.73 8.91
C ALA B 124 -21.87 30.12 9.43
N GLU B 125 -21.11 30.60 10.41
CA GLU B 125 -21.37 31.95 10.93
C GLU B 125 -21.00 33.02 9.91
N LEU B 126 -19.90 32.80 9.17
CA LEU B 126 -19.54 33.71 8.09
C LEU B 126 -20.56 33.69 6.95
N GLY B 127 -21.07 32.52 6.59
CA GLY B 127 -22.00 32.43 5.48
C GLY B 127 -23.39 32.93 5.82
N THR B 128 -23.75 32.96 7.10
CA THR B 128 -24.98 33.65 7.46
C THR B 128 -24.79 35.13 7.67
N THR B 129 -23.56 35.58 7.96
CA THR B 129 -23.34 37.02 8.09
C THR B 129 -23.40 37.73 6.74
N ILE B 130 -22.54 37.35 5.81
CA ILE B 130 -22.42 38.05 4.54
C ILE B 130 -23.49 37.62 3.54
N SER B 131 -23.71 36.30 3.44
CA SER B 131 -24.84 35.67 2.76
C SER B 131 -24.86 35.92 1.25
N LYS B 132 -23.71 36.15 0.64
CA LYS B 132 -23.62 36.20 -0.81
C LYS B 132 -22.78 35.05 -1.32
N SER B 133 -22.94 34.74 -2.60
CA SER B 133 -22.37 33.53 -3.18
C SER B 133 -20.87 33.70 -3.37
N GLY B 134 -20.21 32.60 -3.76
CA GLY B 134 -18.77 32.61 -3.88
C GLY B 134 -18.06 32.73 -2.56
N GLY B 135 -18.38 31.87 -1.59
CA GLY B 135 -17.79 31.98 -0.27
C GLY B 135 -16.31 31.68 -0.28
N ASP B 136 -15.62 32.20 0.75
CA ASP B 136 -14.17 32.15 1.04
C ASP B 136 -13.38 33.05 0.08
N TYR B 137 -14.05 33.61 -0.92
CA TYR B 137 -13.50 34.61 -1.81
C TYR B 137 -14.26 35.93 -1.70
N ALA B 138 -15.58 35.86 -1.59
CA ALA B 138 -16.35 37.07 -1.32
C ALA B 138 -16.12 37.57 0.10
N TYR B 139 -15.85 36.65 1.04
CA TYR B 139 -15.60 37.07 2.42
C TYR B 139 -14.26 37.77 2.54
N MET B 140 -13.29 37.39 1.72
CA MET B 140 -12.01 38.08 1.68
C MET B 140 -12.09 39.37 0.87
N LEU B 141 -12.96 39.41 -0.14
CA LEU B 141 -13.13 40.62 -0.93
C LEU B 141 -13.86 41.70 -0.14
N GLU B 142 -14.79 41.30 0.74
CA GLU B 142 -15.51 42.24 1.59
C GLU B 142 -14.60 42.95 2.59
N VAL B 143 -13.54 42.29 3.05
CA VAL B 143 -12.71 42.79 4.14
C VAL B 143 -11.39 43.35 3.64
N TYR B 144 -10.68 42.61 2.79
CA TYR B 144 -9.30 42.92 2.45
C TYR B 144 -9.14 43.59 1.09
N GLY B 145 -10.23 44.00 0.45
CA GLY B 145 -10.12 44.71 -0.81
C GLY B 145 -10.13 43.78 -2.00
N SER B 146 -9.48 44.26 -3.08
CA SER B 146 -9.54 43.58 -4.36
C SER B 146 -8.32 42.73 -4.67
N LEU B 147 -7.13 43.17 -4.27
CA LEU B 147 -5.91 42.46 -4.67
C LEU B 147 -5.72 41.12 -3.96
N PRO B 148 -5.90 40.99 -2.62
CA PRO B 148 -5.82 39.64 -2.04
C PRO B 148 -6.93 38.72 -2.49
N ALA B 149 -8.12 39.27 -2.77
CA ALA B 149 -9.21 38.48 -3.31
C ALA B 149 -8.86 37.96 -4.71
N PHE B 150 -8.20 38.78 -5.52
CA PHE B 150 -7.79 38.32 -6.84
C PHE B 150 -6.68 37.27 -6.75
N LEU B 151 -5.79 37.41 -5.77
CA LEU B 151 -4.72 36.42 -5.62
C LEU B 151 -5.27 35.07 -5.17
N LYS B 152 -6.23 35.10 -4.24
CA LYS B 152 -6.95 33.90 -3.82
C LYS B 152 -7.70 33.27 -5.00
N LEU B 153 -8.37 34.11 -5.81
CA LEU B 153 -9.13 33.60 -6.94
C LEU B 153 -8.22 33.00 -8.00
N TRP B 154 -7.06 33.61 -8.21
CA TRP B 154 -6.06 33.14 -9.16
C TRP B 154 -5.52 31.76 -8.79
N ILE B 155 -5.10 31.62 -7.53
CA ILE B 155 -4.54 30.35 -7.08
C ILE B 155 -5.63 29.28 -7.01
N GLU B 156 -6.79 29.65 -6.48
CA GLU B 156 -7.94 28.75 -6.33
C GLU B 156 -8.45 28.26 -7.67
N LEU B 157 -8.37 29.11 -8.70
CA LEU B 157 -8.61 28.63 -10.05
C LEU B 157 -7.51 27.65 -10.43
N LEU B 158 -6.30 28.17 -10.70
CA LEU B 158 -5.34 27.51 -11.59
C LEU B 158 -4.84 26.17 -11.09
N ILE B 159 -4.35 26.12 -9.86
CA ILE B 159 -3.77 24.91 -9.33
C ILE B 159 -4.84 24.14 -8.57
N ILE B 160 -5.63 24.85 -7.77
CA ILE B 160 -6.46 24.19 -6.77
C ILE B 160 -7.66 23.47 -7.37
N ARG B 161 -8.40 24.10 -8.31
CA ARG B 161 -9.64 23.39 -8.64
C ARG B 161 -9.48 22.24 -9.65
N PRO B 162 -8.78 22.39 -10.82
CA PRO B 162 -8.72 21.26 -11.75
C PRO B 162 -7.90 20.08 -11.28
N SER B 163 -6.85 20.29 -10.50
CA SER B 163 -6.07 19.20 -9.95
C SER B 163 -6.87 18.40 -8.93
N SER B 164 -7.63 19.08 -8.07
CA SER B 164 -8.52 18.40 -7.14
C SER B 164 -9.61 17.63 -7.85
N GLN B 165 -10.09 18.13 -8.99
CA GLN B 165 -11.08 17.34 -9.72
C GLN B 165 -10.44 16.18 -10.47
N TYR B 166 -9.24 16.39 -11.03
CA TYR B 166 -8.61 15.36 -11.85
C TYR B 166 -8.11 14.20 -11.00
N ILE B 167 -7.70 14.47 -9.75
CA ILE B 167 -7.26 13.40 -8.84
C ILE B 167 -8.40 12.43 -8.57
N VAL B 168 -9.58 12.97 -8.27
CA VAL B 168 -10.73 12.13 -7.94
C VAL B 168 -11.24 11.41 -9.18
N ALA B 169 -11.18 12.07 -10.34
CA ALA B 169 -11.56 11.40 -11.58
C ALA B 169 -10.61 10.26 -11.93
N LEU B 170 -9.32 10.45 -11.67
CA LEU B 170 -8.34 9.41 -11.94
C LEU B 170 -8.49 8.23 -10.98
N VAL B 171 -8.85 8.51 -9.72
CA VAL B 171 -9.07 7.42 -8.77
C VAL B 171 -10.33 6.64 -9.14
N PHE B 172 -11.35 7.35 -9.64
CA PHE B 172 -12.55 6.70 -10.18
C PHE B 172 -12.21 5.75 -11.31
N ALA B 173 -11.41 6.22 -12.26
CA ALA B 173 -11.08 5.43 -13.43
C ALA B 173 -10.16 4.25 -13.08
N THR B 174 -9.25 4.47 -12.13
CA THR B 174 -8.36 3.39 -11.71
C THR B 174 -9.11 2.30 -10.96
N TYR B 175 -10.04 2.68 -10.09
CA TYR B 175 -10.71 1.67 -9.29
C TYR B 175 -11.85 1.01 -10.04
N LEU B 176 -12.38 1.64 -11.08
CA LEU B 176 -13.45 0.99 -11.82
C LEU B 176 -12.91 -0.07 -12.77
N LEU B 177 -11.62 -0.01 -13.09
CA LEU B 177 -10.99 -0.99 -13.97
C LEU B 177 -10.21 -2.06 -13.21
N LYS B 178 -10.31 -2.10 -11.90
CA LYS B 178 -9.63 -3.15 -11.12
C LYS B 178 -10.15 -4.57 -11.33
N PRO B 179 -11.46 -4.85 -11.52
CA PRO B 179 -11.86 -6.25 -11.79
C PRO B 179 -11.33 -6.83 -13.10
N LEU B 180 -10.95 -6.00 -14.06
CA LEU B 180 -10.36 -6.54 -15.28
C LEU B 180 -8.88 -6.85 -15.13
N PHE B 181 -8.22 -6.25 -14.14
CA PHE B 181 -6.79 -6.42 -13.92
C PHE B 181 -6.59 -6.60 -12.41
N PRO B 182 -6.82 -7.81 -11.90
CA PRO B 182 -6.94 -8.00 -10.44
C PRO B 182 -5.64 -7.85 -9.67
N THR B 183 -4.58 -8.50 -10.14
CA THR B 183 -3.28 -8.47 -9.49
C THR B 183 -2.27 -7.69 -10.31
N CYS B 184 -2.67 -6.57 -10.89
CA CYS B 184 -1.91 -6.08 -12.02
C CYS B 184 -2.02 -4.57 -12.12
N PRO B 185 -1.01 -3.90 -12.65
CA PRO B 185 -1.15 -2.46 -12.93
C PRO B 185 -2.09 -2.21 -14.10
N VAL B 186 -3.03 -1.29 -13.92
CA VAL B 186 -3.98 -0.89 -14.94
C VAL B 186 -3.24 -0.11 -16.01
N PRO B 187 -3.54 -0.28 -17.30
CA PRO B 187 -2.95 0.59 -18.33
C PRO B 187 -3.36 2.04 -18.14
N GLU B 188 -2.38 2.94 -18.24
CA GLU B 188 -2.55 4.29 -17.73
C GLU B 188 -3.38 5.19 -18.66
N GLU B 189 -3.28 4.99 -19.98
CA GLU B 189 -3.98 5.90 -20.88
C GLU B 189 -5.45 5.55 -20.97
N ALA B 190 -5.81 4.29 -20.74
CA ALA B 190 -7.22 3.93 -20.60
C ALA B 190 -7.83 4.61 -19.38
N ALA B 191 -7.07 4.69 -18.29
CA ALA B 191 -7.55 5.38 -17.09
C ALA B 191 -7.68 6.88 -17.32
N LYS B 192 -6.73 7.46 -18.06
CA LYS B 192 -6.81 8.89 -18.36
C LYS B 192 -8.01 9.19 -19.26
N LEU B 193 -8.28 8.32 -20.23
CA LEU B 193 -9.43 8.53 -21.11
C LEU B 193 -10.75 8.35 -20.35
N VAL B 194 -10.81 7.38 -19.43
CA VAL B 194 -12.07 7.16 -18.70
C VAL B 194 -12.30 8.31 -17.71
N ALA B 195 -11.23 8.89 -17.18
CA ALA B 195 -11.37 10.06 -16.31
C ALA B 195 -11.86 11.27 -17.08
N CYS B 196 -11.34 11.48 -18.29
CA CYS B 196 -11.83 12.58 -19.13
C CYS B 196 -13.28 12.37 -19.56
N LEU B 197 -13.67 11.11 -19.78
CA LEU B 197 -15.06 10.79 -20.11
C LEU B 197 -15.98 11.11 -18.95
N CYS B 198 -15.55 10.80 -17.73
CA CYS B 198 -16.30 11.12 -16.52
C CYS B 198 -16.52 12.63 -16.38
N VAL B 199 -15.44 13.40 -16.58
CA VAL B 199 -15.50 14.85 -16.43
C VAL B 199 -16.43 15.46 -17.48
N LEU B 200 -16.34 14.97 -18.72
CA LEU B 200 -17.15 15.52 -19.80
C LEU B 200 -18.63 15.18 -19.64
N LEU B 201 -18.93 13.95 -19.20
CA LEU B 201 -20.33 13.57 -18.97
C LEU B 201 -20.93 14.39 -17.83
N LEU B 202 -20.15 14.62 -16.76
CA LEU B 202 -20.70 15.35 -15.62
C LEU B 202 -20.87 16.83 -15.94
N THR B 203 -20.00 17.40 -16.75
CA THR B 203 -20.20 18.81 -17.10
C THR B 203 -21.32 18.98 -18.12
N ALA B 204 -21.61 17.95 -18.92
CA ALA B 204 -22.77 18.02 -19.80
C ALA B 204 -24.07 17.93 -19.00
N VAL B 205 -24.08 17.07 -17.98
CA VAL B 205 -25.26 16.96 -17.11
C VAL B 205 -25.46 18.26 -16.34
N ASN B 206 -24.38 18.89 -15.90
CA ASN B 206 -24.48 20.16 -15.18
C ASN B 206 -24.93 21.29 -16.11
N CYS B 207 -24.49 21.26 -17.37
CA CYS B 207 -24.95 22.26 -18.33
C CYS B 207 -26.40 22.05 -18.74
N TYR B 208 -26.94 20.85 -18.57
CA TYR B 208 -28.34 20.62 -18.92
C TYR B 208 -29.30 21.26 -17.92
N SER B 209 -29.21 20.88 -16.65
CA SER B 209 -30.14 21.40 -15.64
C SER B 209 -29.52 21.27 -14.27
N VAL B 210 -30.05 22.04 -13.32
CA VAL B 210 -29.55 22.02 -11.95
C VAL B 210 -30.25 20.94 -11.14
N LYS B 211 -31.54 20.70 -11.42
CA LYS B 211 -32.30 19.69 -10.71
C LYS B 211 -31.78 18.29 -11.01
N ALA B 212 -31.34 18.07 -12.26
CA ALA B 212 -30.72 16.80 -12.64
C ALA B 212 -29.43 16.55 -11.88
N ALA B 213 -28.62 17.61 -11.71
CA ALA B 213 -27.36 17.49 -10.99
C ALA B 213 -27.58 17.21 -9.52
N THR B 214 -28.60 17.83 -8.93
CA THR B 214 -28.91 17.54 -7.53
C THR B 214 -29.45 16.13 -7.35
N ARG B 215 -30.18 15.61 -8.35
CA ARG B 215 -30.63 14.22 -8.29
C ARG B 215 -29.45 13.25 -8.36
N VAL B 216 -28.46 13.57 -9.22
CA VAL B 216 -27.24 12.77 -9.34
C VAL B 216 -26.50 12.74 -8.00
N GLN B 217 -26.33 13.92 -7.39
CA GLN B 217 -25.60 14.02 -6.13
C GLN B 217 -26.33 13.29 -5.01
N ASP B 218 -27.67 13.33 -5.01
CA ASP B 218 -28.46 12.62 -4.01
C ASP B 218 -28.28 11.12 -4.12
N ALA B 219 -28.40 10.58 -5.34
CA ALA B 219 -28.29 9.15 -5.57
C ALA B 219 -26.90 8.62 -5.23
N PHE B 220 -25.86 9.36 -5.63
CA PHE B 220 -24.52 8.84 -5.42
C PHE B 220 -24.08 9.02 -3.96
N ALA B 221 -24.61 10.03 -3.26
CA ALA B 221 -24.33 10.15 -1.83
C ALA B 221 -24.97 9.01 -1.05
N ALA B 222 -26.21 8.65 -1.41
CA ALA B 222 -26.86 7.51 -0.78
C ALA B 222 -26.13 6.20 -1.06
N ALA B 223 -25.61 6.07 -2.29
CA ALA B 223 -24.88 4.87 -2.68
C ALA B 223 -23.58 4.71 -1.89
N LYS B 224 -22.81 5.80 -1.77
CA LYS B 224 -21.54 5.70 -1.05
C LYS B 224 -21.76 5.52 0.45
N LEU B 225 -22.86 6.08 0.98
CA LEU B 225 -23.18 5.85 2.39
C LEU B 225 -23.53 4.39 2.66
N LEU B 226 -24.29 3.77 1.77
CA LEU B 226 -24.62 2.35 1.95
C LEU B 226 -23.40 1.45 1.75
N ALA B 227 -22.47 1.86 0.87
CA ALA B 227 -21.23 1.11 0.69
C ALA B 227 -20.38 1.12 1.95
N LEU B 228 -20.22 2.31 2.56
CA LEU B 228 -19.43 2.39 3.79
C LEU B 228 -20.16 1.71 4.96
N ALA B 229 -21.49 1.68 4.92
CA ALA B 229 -22.24 0.94 5.92
C ALA B 229 -21.99 -0.57 5.81
N LEU B 230 -21.89 -1.06 4.56
CA LEU B 230 -21.58 -2.47 4.34
C LEU B 230 -20.19 -2.82 4.86
N ILE B 231 -19.21 -1.97 4.60
CA ILE B 231 -17.84 -2.20 5.07
C ILE B 231 -17.78 -2.16 6.60
N ILE B 232 -18.54 -1.24 7.20
CA ILE B 232 -18.57 -1.11 8.66
C ILE B 232 -19.22 -2.33 9.31
N LEU B 233 -20.30 -2.85 8.71
CA LEU B 233 -20.95 -4.01 9.32
C LEU B 233 -20.14 -5.28 9.11
N LEU B 234 -19.35 -5.34 8.02
CA LEU B 234 -18.41 -6.45 7.88
C LEU B 234 -17.32 -6.39 8.96
N GLY B 235 -16.81 -5.20 9.23
CA GLY B 235 -15.84 -5.05 10.30
C GLY B 235 -16.41 -5.31 11.68
N PHE B 236 -17.73 -5.13 11.84
CA PHE B 236 -18.38 -5.47 13.10
C PHE B 236 -18.57 -6.98 13.25
N VAL B 237 -18.95 -7.68 12.18
CA VAL B 237 -19.18 -9.12 12.31
C VAL B 237 -17.84 -9.86 12.36
N GLN B 238 -16.76 -9.21 11.94
CA GLN B 238 -15.45 -9.83 12.12
C GLN B 238 -15.03 -9.82 13.58
N ILE B 239 -15.28 -8.72 14.30
CA ILE B 239 -14.97 -8.70 15.72
C ILE B 239 -16.06 -9.42 16.51
N GLY B 240 -17.20 -9.70 15.87
CA GLY B 240 -18.21 -10.52 16.51
C GLY B 240 -17.88 -12.00 16.49
N LYS B 241 -16.81 -12.38 15.77
CA LYS B 241 -16.35 -13.76 15.80
C LYS B 241 -15.25 -13.95 16.85
N GLY B 242 -15.50 -13.48 18.07
CA GLY B 242 -14.74 -13.76 19.29
C GLY B 242 -13.22 -13.78 19.35
N ASP B 243 -12.52 -13.09 18.44
CA ASP B 243 -11.08 -12.88 18.63
C ASP B 243 -10.66 -11.61 17.90
N VAL B 244 -9.60 -10.96 18.37
CA VAL B 244 -9.19 -9.65 17.86
C VAL B 244 -7.78 -9.78 17.29
N SER B 245 -7.64 -9.45 16.01
CA SER B 245 -6.32 -9.35 15.39
C SER B 245 -5.56 -8.14 15.93
N ASN B 246 -6.08 -6.95 15.65
CA ASN B 246 -5.59 -5.70 16.21
C ASN B 246 -6.48 -5.37 17.41
N LEU B 247 -6.43 -4.12 17.89
CA LEU B 247 -7.34 -3.55 18.88
C LEU B 247 -7.18 -4.20 20.25
N ASP B 248 -5.99 -4.70 20.53
CA ASP B 248 -5.67 -5.13 21.89
C ASP B 248 -5.47 -3.88 22.73
N PRO B 249 -5.82 -3.91 24.04
CA PRO B 249 -5.74 -2.69 24.85
C PRO B 249 -4.32 -2.24 25.17
N ASN B 250 -3.31 -3.08 24.90
CA ASN B 250 -1.93 -2.72 25.15
C ASN B 250 -1.06 -2.81 23.90
N PHE B 251 -1.50 -3.53 22.86
CA PHE B 251 -0.73 -3.67 21.63
C PHE B 251 -1.02 -2.58 20.61
N SER B 252 -2.21 -1.98 20.64
CA SER B 252 -2.65 -1.07 19.58
C SER B 252 -1.85 0.23 19.52
N PHE B 253 -1.12 0.58 20.58
CA PHE B 253 -0.28 1.77 20.58
C PHE B 253 1.19 1.47 20.40
N GLU B 254 1.55 0.20 20.16
CA GLU B 254 2.95 -0.17 20.00
C GLU B 254 3.44 0.24 18.62
N GLY B 255 4.36 1.20 18.58
CA GLY B 255 4.92 1.69 17.34
C GLY B 255 4.77 3.18 17.13
N THR B 256 4.22 3.90 18.09
CA THR B 256 4.06 5.34 17.98
C THR B 256 5.41 6.03 17.94
N LYS B 257 5.80 6.50 16.75
CA LYS B 257 7.07 7.17 16.56
C LYS B 257 7.16 8.48 17.37
N LEU B 258 7.28 9.61 16.69
CA LEU B 258 7.37 10.90 17.35
C LEU B 258 7.78 12.00 16.36
N ASP B 259 8.48 13.01 16.86
CA ASP B 259 8.92 14.11 16.03
C ASP B 259 7.75 14.76 15.30
N VAL B 260 6.99 15.57 16.04
CA VAL B 260 5.83 16.26 15.46
C VAL B 260 5.93 16.66 13.99
N GLY B 261 7.14 16.96 13.51
CA GLY B 261 7.38 17.13 12.10
C GLY B 261 7.03 15.90 11.26
N ASN B 262 7.19 14.71 11.85
CA ASN B 262 6.74 13.47 11.24
C ASN B 262 5.32 13.10 11.64
N ILE B 263 4.62 13.99 12.35
CA ILE B 263 3.23 13.79 12.72
C ILE B 263 2.29 14.67 11.89
N VAL B 264 2.74 15.88 11.55
CA VAL B 264 1.95 16.83 10.79
C VAL B 264 1.79 16.39 9.34
N LEU B 265 2.65 15.50 8.86
CA LEU B 265 2.45 14.94 7.53
C LEU B 265 1.29 13.95 7.54
N ALA B 266 1.16 13.19 8.63
CA ALA B 266 -0.04 12.39 8.83
C ALA B 266 -1.27 13.25 9.00
N LEU B 267 -1.11 14.43 9.62
CA LEU B 267 -2.22 15.36 9.74
C LEU B 267 -2.64 15.92 8.38
N TYR B 268 -1.66 16.14 7.49
CA TYR B 268 -1.99 16.58 6.13
C TYR B 268 -2.66 15.47 5.34
N SER B 269 -2.19 14.23 5.51
CA SER B 269 -2.79 13.10 4.80
C SER B 269 -4.21 12.82 5.30
N GLY B 270 -4.47 13.13 6.57
CA GLY B 270 -5.83 13.04 7.07
C GLY B 270 -6.69 14.21 6.65
N LEU B 271 -6.09 15.40 6.55
CA LEU B 271 -6.84 16.60 6.18
C LEU B 271 -7.17 16.64 4.70
N PHE B 272 -6.48 15.83 3.89
CA PHE B 272 -6.89 15.68 2.50
C PHE B 272 -8.26 15.01 2.40
N ALA B 273 -8.53 14.05 3.27
CA ALA B 273 -9.80 13.32 3.22
C ALA B 273 -10.95 14.11 3.79
N TYR B 274 -10.70 15.28 4.38
CA TYR B 274 -11.76 16.15 4.85
C TYR B 274 -11.94 17.38 3.97
N GLY B 275 -11.24 17.46 2.85
CA GLY B 275 -11.36 18.58 1.94
C GLY B 275 -12.73 18.67 1.30
N GLY B 276 -13.19 19.89 1.04
CA GLY B 276 -14.52 20.09 0.53
C GLY B 276 -15.56 20.39 1.58
N TRP B 277 -15.15 20.73 2.79
CA TRP B 277 -16.11 20.97 3.87
C TRP B 277 -16.77 22.33 3.80
N ASN B 278 -16.26 23.24 2.96
CA ASN B 278 -16.77 24.59 2.87
C ASN B 278 -17.35 24.91 1.50
N TYR B 279 -17.99 23.94 0.84
CA TYR B 279 -18.39 24.15 -0.55
C TYR B 279 -19.83 24.63 -0.64
N LEU B 280 -20.63 24.37 0.40
CA LEU B 280 -21.95 24.95 0.46
C LEU B 280 -21.89 26.46 0.66
N ASN B 281 -20.79 26.96 1.20
CA ASN B 281 -20.57 28.41 1.25
C ASN B 281 -20.32 28.97 -0.14
N PHE B 282 -19.70 28.17 -1.02
CA PHE B 282 -19.56 28.59 -2.40
C PHE B 282 -20.90 28.59 -3.12
N VAL B 283 -21.79 27.65 -2.80
CA VAL B 283 -23.01 27.52 -3.58
C VAL B 283 -24.23 28.10 -2.83
N THR B 284 -24.01 29.06 -1.94
CA THR B 284 -25.13 29.84 -1.41
C THR B 284 -25.59 30.84 -2.46
N GLU B 285 -26.60 31.66 -2.13
CA GLU B 285 -27.46 32.48 -3.01
C GLU B 285 -28.36 31.63 -3.91
N GLU B 286 -28.32 30.30 -3.78
CA GLU B 286 -29.20 29.41 -4.51
C GLU B 286 -29.94 28.48 -3.57
N MET B 287 -29.84 28.69 -2.26
CA MET B 287 -30.49 27.85 -1.27
C MET B 287 -31.83 28.44 -0.87
N ILE B 288 -32.84 27.58 -0.74
CA ILE B 288 -34.12 27.99 -0.21
C ILE B 288 -33.95 28.24 1.27
N ASN B 289 -34.17 29.50 1.69
CA ASN B 289 -34.05 30.00 3.07
C ASN B 289 -32.65 29.74 3.62
N PRO B 290 -31.63 30.50 3.17
CA PRO B 290 -30.25 30.18 3.56
C PRO B 290 -29.95 30.40 5.03
N TYR B 291 -30.58 31.39 5.67
CA TYR B 291 -30.31 31.75 7.05
C TYR B 291 -30.68 30.66 8.05
N ARG B 292 -31.53 29.72 7.66
CA ARG B 292 -31.76 28.51 8.45
C ARG B 292 -31.07 27.30 7.85
N ASN B 293 -31.09 27.16 6.53
CA ASN B 293 -30.77 25.87 5.92
C ASN B 293 -29.28 25.71 5.65
N LEU B 294 -28.50 26.77 5.81
CA LEU B 294 -27.05 26.56 5.69
C LEU B 294 -26.39 26.01 6.97
N PRO B 295 -26.60 26.59 8.18
CA PRO B 295 -25.97 25.96 9.36
C PRO B 295 -26.61 24.65 9.73
N LEU B 296 -27.91 24.47 9.45
CA LEU B 296 -28.57 23.21 9.71
C LEU B 296 -28.06 22.12 8.77
N ALA B 297 -27.60 22.51 7.58
CA ALA B 297 -26.98 21.53 6.70
C ALA B 297 -25.59 21.17 7.19
N ILE B 298 -24.83 22.15 7.66
CA ILE B 298 -23.47 21.91 8.12
C ILE B 298 -23.42 21.05 9.39
N ILE B 299 -24.28 21.39 10.36
CA ILE B 299 -24.40 20.68 11.63
C ILE B 299 -24.83 19.23 11.43
N ILE B 300 -25.77 19.00 10.51
CA ILE B 300 -26.22 17.64 10.23
C ILE B 300 -25.12 16.89 9.48
N SER B 301 -24.48 17.56 8.51
CA SER B 301 -23.57 16.89 7.59
C SER B 301 -22.24 16.47 8.20
N LEU B 302 -21.47 17.40 8.75
CA LEU B 302 -20.08 17.07 9.06
C LEU B 302 -19.80 16.13 10.23
N PRO B 303 -20.61 16.09 11.33
CA PRO B 303 -20.42 15.00 12.31
C PRO B 303 -20.65 13.60 11.76
N ILE B 304 -21.49 13.44 10.73
CA ILE B 304 -21.68 12.16 10.07
C ILE B 304 -20.43 11.67 9.37
N VAL B 305 -19.65 12.56 8.76
CA VAL B 305 -18.41 12.18 8.09
C VAL B 305 -17.35 11.67 9.06
N THR B 306 -17.17 12.32 10.22
CA THR B 306 -16.12 11.94 11.17
C THR B 306 -16.38 10.56 11.77
N LEU B 307 -17.63 10.29 12.14
CA LEU B 307 -18.02 9.01 12.72
C LEU B 307 -17.81 7.88 11.72
N VAL B 308 -18.22 8.10 10.46
CA VAL B 308 -18.06 7.09 9.42
C VAL B 308 -16.59 6.88 9.11
N TYR B 309 -15.78 7.93 9.20
CA TYR B 309 -14.36 7.81 8.92
C TYR B 309 -13.64 7.00 10.00
N VAL B 310 -13.93 7.27 11.27
CA VAL B 310 -13.25 6.55 12.34
C VAL B 310 -13.75 5.11 12.43
N LEU B 311 -15.04 4.87 12.11
CA LEU B 311 -15.53 3.51 12.12
C LEU B 311 -15.02 2.71 10.93
N THR B 312 -14.77 3.39 9.79
CA THR B 312 -14.23 2.69 8.64
C THR B 312 -12.76 2.35 8.85
N ASN B 313 -12.00 3.24 9.51
CA ASN B 313 -10.62 2.91 9.86
C ASN B 313 -10.57 1.78 10.89
N LEU B 314 -11.51 1.79 11.84
CA LEU B 314 -11.56 0.74 12.86
C LEU B 314 -11.94 -0.61 12.23
N ALA B 315 -12.80 -0.58 11.21
CA ALA B 315 -13.15 -1.82 10.52
C ALA B 315 -12.02 -2.29 9.62
N TYR B 316 -11.23 -1.34 9.11
CA TYR B 316 -10.04 -1.70 8.33
C TYR B 316 -9.02 -2.41 9.20
N PHE B 317 -8.84 -1.95 10.44
CA PHE B 317 -7.77 -2.47 11.26
C PHE B 317 -8.06 -3.86 11.81
N THR B 318 -9.34 -4.21 11.97
CA THR B 318 -9.62 -5.57 12.42
C THR B 318 -9.89 -6.52 11.25
N THR B 319 -9.07 -6.45 10.21
CA THR B 319 -9.03 -7.51 9.20
C THR B 319 -7.59 -7.77 8.79
N LEU B 320 -6.77 -6.72 8.86
CA LEU B 320 -5.40 -6.77 8.38
C LEU B 320 -4.46 -6.35 9.49
N SER B 321 -3.24 -6.86 9.45
CA SER B 321 -2.23 -6.44 10.41
C SER B 321 -1.55 -5.17 9.91
N THR B 322 -0.54 -4.71 10.65
CA THR B 322 -0.01 -3.36 10.44
C THR B 322 0.82 -3.28 9.15
N GLU B 323 1.86 -4.09 9.03
CA GLU B 323 2.67 -4.04 7.82
C GLU B 323 2.03 -4.83 6.68
N GLN B 324 0.94 -5.54 6.94
CA GLN B 324 0.08 -6.01 5.87
C GLN B 324 -0.56 -4.83 5.15
N MET B 325 -0.94 -3.79 5.89
CA MET B 325 -1.48 -2.56 5.30
C MET B 325 -0.40 -1.60 4.84
N LEU B 326 0.76 -1.58 5.50
CA LEU B 326 1.82 -0.65 5.14
C LEU B 326 2.46 -0.97 3.80
N SER B 327 2.32 -2.21 3.32
CA SER B 327 2.86 -2.62 2.03
C SER B 327 1.75 -3.02 1.06
N SER B 328 0.55 -2.53 1.29
CA SER B 328 -0.58 -2.83 0.42
C SER B 328 -0.78 -1.72 -0.60
N GLU B 329 -1.56 -2.04 -1.64
CA GLU B 329 -1.81 -1.10 -2.72
C GLU B 329 -3.24 -0.55 -2.68
N ALA B 330 -4.20 -1.38 -2.30
CA ALA B 330 -5.59 -0.97 -2.21
C ALA B 330 -6.21 -1.68 -1.02
N VAL B 331 -6.24 -1.01 0.13
CA VAL B 331 -6.70 -1.62 1.38
C VAL B 331 -8.18 -1.95 1.38
N ALA B 332 -8.96 -1.39 0.46
CA ALA B 332 -10.36 -1.78 0.34
C ALA B 332 -10.52 -3.04 -0.49
N VAL B 333 -9.66 -3.21 -1.50
CA VAL B 333 -9.71 -4.40 -2.34
C VAL B 333 -9.28 -5.63 -1.54
N ASP B 334 -8.26 -5.49 -0.69
CA ASP B 334 -7.84 -6.59 0.18
C ASP B 334 -8.91 -6.92 1.20
N PHE B 335 -9.57 -5.89 1.74
CA PHE B 335 -10.72 -6.06 2.62
C PHE B 335 -11.86 -6.83 1.95
N GLY B 336 -12.11 -6.55 0.67
CA GLY B 336 -13.11 -7.30 -0.05
C GLY B 336 -12.68 -8.71 -0.36
N ASN B 337 -11.36 -8.89 -0.54
CA ASN B 337 -10.82 -10.23 -0.82
C ASN B 337 -10.93 -11.12 0.40
N TYR B 338 -10.74 -10.56 1.59
CA TYR B 338 -10.86 -11.35 2.82
C TYR B 338 -12.30 -11.77 3.09
N HIS B 339 -13.19 -10.79 3.27
CA HIS B 339 -14.54 -11.07 3.73
C HIS B 339 -15.45 -11.60 2.64
N LEU B 340 -14.99 -11.57 1.40
CA LEU B 340 -15.79 -12.11 0.31
C LEU B 340 -14.92 -12.94 -0.62
N GLY B 341 -15.47 -14.05 -1.11
CA GLY B 341 -14.86 -14.84 -2.16
C GLY B 341 -15.05 -14.14 -3.49
N VAL B 342 -15.65 -14.84 -4.46
CA VAL B 342 -16.29 -14.17 -5.59
C VAL B 342 -17.36 -13.21 -5.08
N MET B 343 -17.69 -12.19 -5.90
CA MET B 343 -18.45 -10.96 -5.64
C MET B 343 -17.62 -9.99 -4.80
N SER B 344 -16.30 -10.05 -4.92
CA SER B 344 -15.43 -9.10 -4.23
C SER B 344 -15.09 -7.90 -5.10
N TRP B 345 -15.66 -7.83 -6.31
CA TRP B 345 -15.52 -6.66 -7.17
C TRP B 345 -16.48 -5.54 -6.79
N ILE B 346 -17.41 -5.85 -5.88
CA ILE B 346 -18.37 -4.90 -5.34
C ILE B 346 -17.67 -3.69 -4.74
N ILE B 347 -16.55 -3.92 -4.05
CA ILE B 347 -15.86 -2.86 -3.33
C ILE B 347 -15.14 -1.89 -4.29
N PRO B 348 -14.39 -2.32 -5.32
CA PRO B 348 -13.87 -1.30 -6.26
C PRO B 348 -14.95 -0.62 -7.09
N VAL B 349 -16.05 -1.33 -7.40
CA VAL B 349 -17.19 -0.70 -8.08
C VAL B 349 -17.75 0.43 -7.22
N PHE B 350 -17.86 0.18 -5.92
CA PHE B 350 -18.44 1.18 -5.03
C PHE B 350 -17.49 2.34 -4.78
N VAL B 351 -16.17 2.09 -4.81
CA VAL B 351 -15.20 3.19 -4.71
C VAL B 351 -15.32 4.11 -5.92
N GLY B 352 -15.46 3.54 -7.13
CA GLY B 352 -15.70 4.36 -8.30
C GLY B 352 -17.00 5.14 -8.24
N LEU B 353 -18.05 4.53 -7.68
CA LEU B 353 -19.32 5.22 -7.54
C LEU B 353 -19.23 6.37 -6.53
N SER B 354 -18.36 6.26 -5.53
CA SER B 354 -18.14 7.37 -4.62
C SER B 354 -17.43 8.54 -5.32
N CYS B 355 -16.37 8.22 -6.07
CA CYS B 355 -15.58 9.28 -6.68
C CYS B 355 -16.33 10.01 -7.80
N PHE B 356 -17.30 9.34 -8.44
CA PHE B 356 -18.15 9.99 -9.44
C PHE B 356 -18.96 11.15 -8.84
N GLY B 357 -19.62 10.88 -7.71
CA GLY B 357 -20.41 11.93 -7.07
C GLY B 357 -19.55 13.04 -6.50
N SER B 358 -18.35 12.69 -6.04
CA SER B 358 -17.44 13.73 -5.54
C SER B 358 -17.00 14.68 -6.67
N VAL B 359 -16.74 14.13 -7.86
CA VAL B 359 -16.36 14.96 -9.00
C VAL B 359 -17.51 15.86 -9.42
N ASN B 360 -18.75 15.34 -9.37
CA ASN B 360 -19.93 16.13 -9.72
C ASN B 360 -20.11 17.33 -8.80
N GLY B 361 -20.02 17.09 -7.49
CA GLY B 361 -20.17 18.19 -6.53
C GLY B 361 -19.08 19.25 -6.65
N SER B 362 -17.85 18.81 -6.91
CA SER B 362 -16.75 19.77 -7.05
C SER B 362 -16.89 20.61 -8.31
N LEU B 363 -17.39 20.01 -9.41
CA LEU B 363 -17.61 20.76 -10.64
C LEU B 363 -18.69 21.83 -10.46
N PHE B 364 -19.78 21.46 -9.78
CA PHE B 364 -20.85 22.40 -9.40
C PHE B 364 -20.34 23.63 -8.66
N THR B 365 -19.61 23.40 -7.56
CA THR B 365 -19.17 24.53 -6.74
C THR B 365 -18.09 25.35 -7.44
N SER B 366 -17.25 24.72 -8.27
CA SER B 366 -16.22 25.48 -9.00
C SER B 366 -16.84 26.39 -10.04
N SER B 367 -17.88 25.90 -10.74
CA SER B 367 -18.55 26.74 -11.73
C SER B 367 -19.22 27.93 -11.07
N ARG B 368 -19.80 27.73 -9.87
CA ARG B 368 -20.44 28.85 -9.19
C ARG B 368 -19.41 29.84 -8.66
N LEU B 369 -18.23 29.36 -8.28
CA LEU B 369 -17.16 30.26 -7.82
C LEU B 369 -16.66 31.15 -8.96
N PHE B 370 -16.43 30.58 -10.14
CA PHE B 370 -15.97 31.42 -11.24
C PHE B 370 -17.09 32.34 -11.76
N PHE B 371 -18.35 31.90 -11.63
CA PHE B 371 -19.50 32.77 -11.88
C PHE B 371 -19.46 34.02 -11.01
N VAL B 372 -19.27 33.84 -9.70
CA VAL B 372 -19.23 34.98 -8.80
C VAL B 372 -17.98 35.83 -9.03
N GLY B 373 -16.85 35.19 -9.34
CA GLY B 373 -15.63 35.95 -9.56
C GLY B 373 -15.65 36.79 -10.82
N SER B 374 -16.50 36.42 -11.78
CA SER B 374 -16.62 37.25 -12.98
C SER B 374 -17.45 38.50 -12.70
N ARG B 375 -18.35 38.45 -11.71
CA ARG B 375 -19.24 39.59 -11.47
C ARG B 375 -18.54 40.77 -10.81
N GLU B 376 -17.41 40.53 -10.14
CA GLU B 376 -16.67 41.59 -9.48
C GLU B 376 -15.64 42.25 -10.39
N GLY B 377 -15.69 41.97 -11.69
CA GLY B 377 -14.72 42.53 -12.61
C GLY B 377 -13.33 41.97 -12.49
N HIS B 378 -13.17 40.82 -11.84
CA HIS B 378 -11.86 40.19 -11.72
C HIS B 378 -11.58 39.19 -12.82
N LEU B 379 -12.61 38.71 -13.50
CA LEU B 379 -12.50 37.79 -14.62
C LEU B 379 -13.16 38.42 -15.83
N PRO B 380 -12.91 37.90 -17.05
CA PRO B 380 -13.65 38.38 -18.22
C PRO B 380 -15.14 38.15 -18.09
N SER B 381 -15.90 39.04 -18.72
CA SER B 381 -17.34 39.08 -18.52
C SER B 381 -18.11 38.13 -19.42
N ILE B 382 -17.42 37.30 -20.21
CA ILE B 382 -18.12 36.22 -20.90
C ILE B 382 -18.59 35.18 -19.89
N LEU B 383 -17.81 34.98 -18.83
CA LEU B 383 -18.29 34.26 -17.68
C LEU B 383 -19.33 35.11 -16.96
N SER B 384 -20.09 34.48 -16.06
CA SER B 384 -21.26 35.06 -15.39
C SER B 384 -22.33 35.52 -16.39
N MET B 385 -22.49 34.76 -17.47
CA MET B 385 -23.59 34.95 -18.40
C MET B 385 -24.47 33.72 -18.36
N ILE B 386 -25.74 33.91 -18.05
CA ILE B 386 -26.69 32.82 -17.88
C ILE B 386 -27.38 32.57 -19.20
N HIS B 387 -27.65 31.29 -19.48
CA HIS B 387 -28.37 30.91 -20.69
C HIS B 387 -29.86 30.81 -20.38
N PRO B 388 -30.72 31.57 -21.05
CA PRO B 388 -32.15 31.51 -20.75
C PRO B 388 -32.77 30.23 -21.28
N GLN B 389 -33.87 29.83 -20.61
CA GLN B 389 -34.66 28.58 -20.74
C GLN B 389 -33.94 27.36 -20.18
N LEU B 390 -32.69 27.52 -19.74
CA LEU B 390 -32.00 26.50 -18.97
C LEU B 390 -31.55 27.04 -17.62
N LEU B 391 -31.21 28.33 -17.59
CA LEU B 391 -30.82 29.07 -16.38
C LEU B 391 -29.60 28.45 -15.70
N THR B 392 -28.57 28.17 -16.49
CA THR B 392 -27.34 27.56 -16.03
C THR B 392 -26.13 28.32 -16.57
N PRO B 393 -25.09 28.50 -15.77
CA PRO B 393 -23.88 29.19 -16.25
C PRO B 393 -23.01 28.30 -17.14
N VAL B 394 -23.37 28.25 -18.41
CA VAL B 394 -22.74 27.37 -19.40
C VAL B 394 -21.27 27.73 -19.68
N PRO B 395 -20.86 29.00 -19.92
CA PRO B 395 -19.42 29.22 -20.17
C PRO B 395 -18.53 28.99 -18.96
N SER B 396 -19.04 29.19 -17.74
CA SER B 396 -18.25 28.89 -16.55
C SER B 396 -18.04 27.39 -16.40
N LEU B 397 -19.05 26.59 -16.76
CA LEU B 397 -18.92 25.15 -16.70
C LEU B 397 -17.94 24.64 -17.76
N VAL B 398 -18.00 25.23 -18.95
CA VAL B 398 -17.06 24.86 -20.02
C VAL B 398 -15.64 25.23 -19.62
N PHE B 399 -15.48 26.39 -18.96
CA PHE B 399 -14.15 26.83 -18.52
C PHE B 399 -13.60 25.97 -17.41
N THR B 400 -14.48 25.44 -16.55
CA THR B 400 -14.04 24.50 -15.51
C THR B 400 -13.58 23.18 -16.13
N CYS B 401 -14.39 22.64 -17.05
CA CYS B 401 -14.09 21.35 -17.66
C CYS B 401 -12.83 21.40 -18.51
N VAL B 402 -12.57 22.53 -19.17
CA VAL B 402 -11.40 22.65 -20.03
C VAL B 402 -10.11 22.61 -19.21
N MET B 403 -10.11 23.27 -18.05
CA MET B 403 -8.94 23.25 -17.18
C MET B 403 -8.73 21.87 -16.56
N THR B 404 -9.85 21.22 -16.17
CA THR B 404 -9.76 19.88 -15.59
C THR B 404 -9.22 18.87 -16.60
N LEU B 405 -9.61 18.98 -17.86
CA LEU B 405 -9.02 18.14 -18.89
C LEU B 405 -7.58 18.54 -19.21
N LEU B 406 -7.23 19.82 -19.06
CA LEU B 406 -5.87 20.28 -19.27
C LEU B 406 -4.89 19.72 -18.27
N TYR B 407 -5.31 19.43 -17.03
CA TYR B 407 -4.40 18.82 -16.08
C TYR B 407 -4.24 17.31 -16.24
N ALA B 408 -4.65 16.74 -17.37
CA ALA B 408 -4.43 15.33 -17.65
C ALA B 408 -3.11 15.07 -18.38
N PHE B 409 -2.23 16.06 -18.43
CA PHE B 409 -0.91 15.91 -19.05
C PHE B 409 0.19 15.61 -18.04
N SER B 410 -0.10 15.63 -16.76
CA SER B 410 0.90 15.41 -15.73
C SER B 410 1.05 13.92 -15.43
N LYS B 411 2.28 13.52 -15.10
CA LYS B 411 2.56 12.12 -14.75
C LYS B 411 2.21 11.86 -13.28
N ASP B 412 2.73 12.68 -12.37
CA ASP B 412 2.39 12.60 -10.96
C ASP B 412 1.90 13.98 -10.53
N ILE B 413 0.64 14.04 -10.10
CA ILE B 413 0.04 15.31 -9.72
C ILE B 413 -0.25 15.36 -8.21
N PHE B 414 -0.03 14.26 -7.49
CA PHE B 414 -0.15 14.26 -6.04
C PHE B 414 0.89 15.14 -5.36
N SER B 415 1.99 15.47 -6.03
CA SER B 415 3.03 16.31 -5.45
C SER B 415 2.81 17.77 -5.78
N VAL B 416 1.59 18.23 -5.51
CA VAL B 416 1.26 19.65 -5.64
C VAL B 416 0.52 20.04 -4.36
N ILE B 417 0.20 19.03 -3.55
CA ILE B 417 -0.56 19.22 -2.32
C ILE B 417 0.32 19.91 -1.29
N ASN B 418 1.58 19.49 -1.21
CA ASN B 418 2.50 20.07 -0.23
C ASN B 418 3.09 21.37 -0.76
N PHE B 419 2.93 21.61 -2.06
CA PHE B 419 3.34 22.89 -2.65
C PHE B 419 2.40 24.03 -2.25
N PHE B 420 1.17 23.74 -1.85
CA PHE B 420 0.16 24.78 -1.71
C PHE B 420 -0.74 24.66 -0.49
N SER B 421 -0.46 23.78 0.47
CA SER B 421 -1.33 23.61 1.62
C SER B 421 -1.29 24.83 2.54
N PHE B 422 -0.13 25.50 2.57
CA PHE B 422 0.07 26.67 3.40
C PHE B 422 -0.81 27.82 2.94
N PHE B 423 -1.01 27.98 1.63
CA PHE B 423 -1.88 29.04 1.15
C PHE B 423 -3.34 28.67 1.37
N ASN B 424 -3.66 27.39 1.24
CA ASN B 424 -5.02 26.90 1.42
C ASN B 424 -5.49 27.10 2.85
N TRP B 425 -4.57 27.02 3.82
CA TRP B 425 -4.97 27.30 5.19
C TRP B 425 -4.77 28.77 5.56
N LEU B 426 -3.88 29.47 4.84
CA LEU B 426 -3.68 30.89 5.07
C LEU B 426 -4.91 31.69 4.68
N CYS B 427 -5.59 31.27 3.61
CA CYS B 427 -6.79 31.99 3.18
C CYS B 427 -7.95 31.79 4.17
N VAL B 428 -8.05 30.60 4.75
CA VAL B 428 -9.08 30.34 5.75
C VAL B 428 -8.79 31.14 7.03
N ALA B 429 -7.52 31.17 7.45
CA ALA B 429 -7.15 31.94 8.63
C ALA B 429 -7.37 33.43 8.42
N LEU B 430 -7.09 33.92 7.20
CA LEU B 430 -7.33 35.32 6.87
C LEU B 430 -8.81 35.65 6.87
N ALA B 431 -9.64 34.72 6.38
CA ALA B 431 -11.07 34.95 6.35
C ALA B 431 -11.66 34.98 7.76
N ILE B 432 -11.12 34.17 8.68
CA ILE B 432 -11.69 34.14 10.02
C ILE B 432 -11.17 35.30 10.87
N ILE B 433 -9.92 35.74 10.63
CA ILE B 433 -9.44 37.00 11.19
C ILE B 433 -10.30 38.16 10.70
N GLY B 434 -10.65 38.15 9.41
CA GLY B 434 -11.55 39.16 8.89
C GLY B 434 -12.95 39.08 9.46
N MET B 435 -13.39 37.88 9.83
CA MET B 435 -14.69 37.71 10.47
C MET B 435 -14.71 38.37 11.85
N ILE B 436 -13.64 38.15 12.64
CA ILE B 436 -13.55 38.77 13.96
C ILE B 436 -13.43 40.29 13.83
N TRP B 437 -12.61 40.75 12.88
CA TRP B 437 -12.42 42.18 12.67
C TRP B 437 -13.69 42.85 12.13
N LEU B 438 -14.52 42.09 11.42
CA LEU B 438 -15.78 42.64 10.92
C LEU B 438 -16.83 42.66 12.02
N ARG B 439 -16.75 41.70 12.96
CA ARG B 439 -17.68 41.70 14.08
C ARG B 439 -17.37 42.84 15.04
N HIS B 440 -16.09 43.23 15.13
CA HIS B 440 -15.75 44.35 16.00
C HIS B 440 -15.89 45.69 15.30
N ARG B 441 -15.46 45.77 14.05
CA ARG B 441 -15.45 47.04 13.32
C ARG B 441 -16.85 47.45 12.87
N LYS B 442 -17.64 46.52 12.34
CA LYS B 442 -18.93 46.81 11.72
C LYS B 442 -20.04 46.00 12.38
N PRO B 443 -20.53 46.42 13.57
CA PRO B 443 -21.63 45.70 14.23
C PRO B 443 -23.01 46.26 13.91
N GLU B 444 -23.35 46.35 12.61
CA GLU B 444 -24.67 46.79 12.17
C GLU B 444 -25.23 45.76 11.19
N LEU B 445 -24.91 44.49 11.41
CA LEU B 445 -25.39 43.43 10.53
C LEU B 445 -26.30 42.50 11.33
N GLU B 446 -27.21 41.85 10.61
CA GLU B 446 -28.09 40.87 11.23
C GLU B 446 -27.39 39.51 11.23
N ARG B 447 -27.24 38.92 12.42
CA ARG B 447 -26.48 37.68 12.60
C ARG B 447 -27.41 36.62 13.18
N PRO B 448 -27.92 35.72 12.34
CA PRO B 448 -28.84 34.68 12.85
C PRO B 448 -28.17 33.64 13.72
N ILE B 449 -26.91 33.31 13.46
CA ILE B 449 -26.14 32.45 14.35
C ILE B 449 -24.89 33.22 14.77
N LYS B 450 -24.47 33.00 16.02
CA LYS B 450 -23.32 33.71 16.58
C LYS B 450 -22.55 32.70 17.40
N VAL B 451 -21.37 32.33 16.92
CA VAL B 451 -20.57 31.32 17.60
C VAL B 451 -19.97 31.91 18.87
N ASN B 452 -19.74 31.03 19.85
CA ASN B 452 -18.90 31.38 20.99
C ASN B 452 -17.51 31.76 20.50
N LEU B 453 -16.91 32.75 21.15
CA LEU B 453 -15.53 33.06 20.82
C LEU B 453 -14.60 32.00 21.40
N ALA B 454 -13.32 32.11 21.01
CA ALA B 454 -12.21 31.20 21.25
C ALA B 454 -12.36 29.87 20.51
N LEU B 455 -13.48 29.66 19.79
CA LEU B 455 -13.46 28.68 18.71
C LEU B 455 -12.80 29.26 17.46
N PRO B 456 -13.11 30.49 17.01
CA PRO B 456 -12.27 31.06 15.94
C PRO B 456 -10.85 31.35 16.36
N VAL B 457 -10.60 31.67 17.63
CA VAL B 457 -9.23 31.97 18.07
C VAL B 457 -8.40 30.70 18.08
N PHE B 458 -8.97 29.60 18.57
CA PHE B 458 -8.27 28.32 18.54
C PHE B 458 -8.10 27.82 17.12
N PHE B 459 -9.06 28.11 16.24
CA PHE B 459 -8.92 27.71 14.84
C PHE B 459 -7.82 28.51 14.15
N ILE B 460 -7.72 29.80 14.46
CA ILE B 460 -6.66 30.64 13.89
C ILE B 460 -5.30 30.19 14.39
N LEU B 461 -5.22 29.83 15.67
CA LEU B 461 -3.95 29.35 16.23
C LEU B 461 -3.55 28.02 15.62
N ALA B 462 -4.53 27.15 15.36
CA ALA B 462 -4.23 25.85 14.75
C ALA B 462 -3.81 26.01 13.28
N CYS B 463 -4.44 26.94 12.57
CA CYS B 463 -4.05 27.20 11.18
C CYS B 463 -2.66 27.82 11.11
N LEU B 464 -2.34 28.73 12.04
CA LEU B 464 -1.03 29.34 12.05
C LEU B 464 0.03 28.33 12.49
N PHE B 465 -0.34 27.38 13.33
CA PHE B 465 0.54 26.27 13.68
C PHE B 465 0.88 25.42 12.46
N LEU B 466 -0.14 25.09 11.66
CA LEU B 466 0.08 24.29 10.46
C LEU B 466 0.93 25.03 9.43
N ILE B 467 0.69 26.34 9.28
CA ILE B 467 1.47 27.15 8.34
C ILE B 467 2.92 27.25 8.79
N ALA B 468 3.15 27.56 10.08
CA ALA B 468 4.50 27.77 10.57
C ALA B 468 5.28 26.46 10.62
N VAL B 469 4.59 25.34 10.83
CA VAL B 469 5.27 24.06 10.81
C VAL B 469 5.61 23.66 9.38
N SER B 470 4.73 23.98 8.42
CA SER B 470 5.01 23.68 7.02
C SER B 470 6.15 24.53 6.46
N PHE B 471 6.49 25.64 7.11
CA PHE B 471 7.66 26.44 6.78
C PHE B 471 8.89 26.04 7.61
N TRP B 472 8.83 24.89 8.28
CA TRP B 472 9.87 24.52 9.24
C TRP B 472 10.39 23.10 9.01
N LYS B 473 9.69 22.29 8.21
CA LYS B 473 10.16 20.94 7.92
C LYS B 473 10.41 20.77 6.44
N THR B 474 9.53 21.30 5.61
CA THR B 474 9.69 21.25 4.14
C THR B 474 9.54 22.66 3.58
N PRO B 475 10.59 23.47 3.67
CA PRO B 475 10.51 24.85 3.16
C PRO B 475 10.97 25.02 1.71
N VAL B 476 11.24 23.93 1.00
CA VAL B 476 11.70 24.07 -0.38
C VAL B 476 10.52 24.05 -1.35
N GLU B 477 9.41 23.45 -0.98
CA GLU B 477 8.24 23.44 -1.85
C GLU B 477 7.39 24.69 -1.67
N CYS B 478 7.38 25.23 -0.45
CA CYS B 478 6.61 26.44 -0.16
C CYS B 478 7.20 27.65 -0.87
N GLY B 479 8.51 27.63 -1.12
CA GLY B 479 9.12 28.70 -1.90
C GLY B 479 8.68 28.69 -3.36
N ILE B 480 8.55 27.49 -3.94
CA ILE B 480 8.08 27.33 -5.31
C ILE B 480 6.61 27.73 -5.37
N GLY B 481 5.84 27.35 -4.34
CA GLY B 481 4.45 27.75 -4.26
C GLY B 481 4.27 29.25 -4.16
N PHE B 482 5.09 29.90 -3.35
CA PHE B 482 5.05 31.36 -3.23
C PHE B 482 5.55 32.04 -4.50
N THR B 483 6.40 31.37 -5.27
CA THR B 483 6.81 31.89 -6.56
C THR B 483 5.69 31.85 -7.58
N ILE B 484 4.89 30.78 -7.56
CA ILE B 484 3.73 30.70 -8.46
C ILE B 484 2.60 31.65 -8.06
N ILE B 485 2.49 31.98 -6.78
CA ILE B 485 1.44 32.88 -6.29
C ILE B 485 1.60 34.29 -6.84
N LEU B 486 2.81 34.83 -6.80
CA LEU B 486 3.02 36.22 -7.22
C LEU B 486 3.08 36.39 -8.73
N SER B 487 2.94 35.29 -9.48
CA SER B 487 2.85 35.36 -10.93
C SER B 487 1.51 35.93 -11.38
N GLY B 488 0.53 35.95 -10.47
CA GLY B 488 -0.75 36.56 -10.79
C GLY B 488 -0.71 38.08 -10.70
N LEU B 489 0.33 38.62 -10.06
CA LEU B 489 0.49 40.06 -9.93
C LEU B 489 0.75 40.78 -11.26
N PRO B 490 1.45 40.20 -12.25
CA PRO B 490 1.34 40.79 -13.61
C PRO B 490 -0.05 40.70 -14.20
N VAL B 491 -0.80 39.64 -13.87
CA VAL B 491 -2.11 39.42 -14.47
C VAL B 491 -3.14 40.37 -13.89
N TYR B 492 -2.98 40.76 -12.62
CA TYR B 492 -3.91 41.68 -11.99
C TYR B 492 -3.78 43.08 -12.57
N PHE B 493 -2.56 43.48 -12.92
CA PHE B 493 -2.32 44.81 -13.46
C PHE B 493 -2.51 44.84 -14.97
N PHE B 494 -3.10 43.78 -15.53
CA PHE B 494 -3.49 43.74 -16.95
C PHE B 494 -4.92 43.23 -16.99
N GLY B 495 -5.88 44.15 -17.04
CA GLY B 495 -7.27 43.77 -17.14
C GLY B 495 -8.13 44.34 -16.03
N VAL B 496 -7.60 44.38 -14.82
CA VAL B 496 -8.36 44.88 -13.68
C VAL B 496 -7.96 46.31 -13.40
N TRP B 497 -6.69 46.52 -13.05
CA TRP B 497 -6.24 47.86 -12.70
C TRP B 497 -5.97 48.70 -13.93
N TRP B 498 -5.38 48.10 -14.97
CA TRP B 498 -5.03 48.84 -16.17
C TRP B 498 -6.27 49.04 -17.02
N LYS B 499 -7.04 50.06 -16.69
CA LYS B 499 -8.07 50.57 -17.59
C LYS B 499 -7.42 51.52 -18.58
N ASN B 500 -8.26 52.23 -19.36
CA ASN B 500 -7.86 53.06 -20.49
C ASN B 500 -7.01 52.26 -21.46
N LYS B 501 -7.48 51.06 -21.80
CA LYS B 501 -6.78 50.19 -22.74
C LYS B 501 -6.88 50.78 -24.15
N PRO B 502 -5.94 50.44 -25.04
CA PRO B 502 -6.04 50.91 -26.42
C PRO B 502 -7.20 50.26 -27.15
N LYS B 503 -7.60 50.90 -28.26
CA LYS B 503 -8.64 50.37 -29.11
C LYS B 503 -8.17 49.18 -29.95
N TRP B 504 -6.87 48.89 -29.93
CA TRP B 504 -6.33 47.67 -30.49
C TRP B 504 -6.80 46.42 -29.76
N LEU B 505 -7.24 46.55 -28.51
CA LEU B 505 -7.56 45.41 -27.66
C LEU B 505 -9.03 45.33 -27.26
N LEU B 506 -9.71 46.47 -27.09
CA LEU B 506 -11.08 46.45 -26.59
C LEU B 506 -12.05 45.91 -27.63
N GLN B 507 -11.81 46.22 -28.90
CA GLN B 507 -12.70 45.77 -29.96
C GLN B 507 -12.57 44.27 -30.18
N GLY B 508 -11.36 43.74 -30.03
CA GLY B 508 -11.15 42.31 -30.18
C GLY B 508 -11.78 41.52 -29.04
N ILE B 509 -11.69 42.05 -27.82
CA ILE B 509 -12.29 41.42 -26.66
C ILE B 509 -13.81 41.45 -26.77
N PHE B 510 -14.35 42.58 -27.23
CA PHE B 510 -15.78 42.70 -27.48
C PHE B 510 -16.24 41.72 -28.57
N SER B 511 -15.41 41.53 -29.60
CA SER B 511 -15.77 40.67 -30.72
C SER B 511 -15.77 39.20 -30.31
N THR B 512 -14.76 38.78 -29.55
CA THR B 512 -14.72 37.38 -29.13
C THR B 512 -15.77 37.11 -28.05
N THR B 513 -16.13 38.13 -27.27
CA THR B 513 -17.19 37.97 -26.28
C THR B 513 -18.55 37.80 -26.96
N VAL B 514 -18.85 38.63 -27.96
CA VAL B 514 -20.13 38.51 -28.65
C VAL B 514 -20.16 37.25 -29.53
N LEU B 515 -18.99 36.78 -29.97
CA LEU B 515 -18.94 35.53 -30.72
C LEU B 515 -19.25 34.34 -29.82
N CYS B 516 -18.69 34.33 -28.60
CA CYS B 516 -19.03 33.26 -27.66
C CYS B 516 -20.47 33.36 -27.18
N GLN B 517 -21.01 34.59 -27.13
CA GLN B 517 -22.43 34.77 -26.82
C GLN B 517 -23.32 34.19 -27.91
N LYS B 518 -22.96 34.43 -29.18
CA LYS B 518 -23.75 33.88 -30.28
C LYS B 518 -23.61 32.37 -30.38
N LEU B 519 -22.46 31.83 -29.95
CA LEU B 519 -22.29 30.39 -29.93
C LEU B 519 -23.13 29.73 -28.83
N MET B 520 -22.99 30.19 -27.58
CA MET B 520 -23.62 29.52 -26.46
C MET B 520 -25.02 30.02 -26.13
N GLN B 521 -25.49 31.10 -26.79
CA GLN B 521 -26.82 31.70 -26.60
C GLN B 521 -27.02 32.13 -25.15
N VAL B 522 -26.11 32.98 -24.67
CA VAL B 522 -26.10 33.39 -23.27
C VAL B 522 -26.31 34.90 -23.17
N VAL B 523 -27.07 35.30 -22.16
CA VAL B 523 -27.38 36.71 -21.93
C VAL B 523 -26.71 37.11 -20.61
N PRO B 524 -26.46 38.40 -20.42
CA PRO B 524 -25.95 38.85 -19.12
C PRO B 524 -27.00 38.76 -18.03
N GLN B 525 -26.54 38.85 -16.79
CA GLN B 525 -27.42 38.75 -15.63
C GLN B 525 -27.95 40.13 -15.23
N GLU B 526 -29.07 40.14 -14.52
CA GLU B 526 -29.67 41.39 -14.07
C GLU B 526 -31.06 41.17 -13.50
N THR B 527 -31.82 40.27 -14.13
CA THR B 527 -33.18 39.96 -13.70
C THR B 527 -33.95 41.24 -13.39
C1 NAG C . 35.57 -10.43 16.47
C2 NAG C . 36.04 -11.53 15.51
C3 NAG C . 37.52 -11.84 15.73
C4 NAG C . 38.35 -10.57 15.58
C5 NAG C . 37.84 -9.55 16.59
C6 NAG C . 38.56 -8.22 16.49
C7 NAG C . 34.60 -13.34 14.66
C8 NAG C . 33.83 -14.57 15.00
N2 NAG C . 35.24 -12.75 15.67
O3 NAG C . 37.93 -12.85 14.80
O4 NAG C . 39.73 -10.82 15.73
O5 NAG C . 36.46 -9.28 16.35
O6 NAG C . 37.84 -7.29 15.69
O7 NAG C . 34.65 -12.89 13.51
C1 NAG C . 40.34 -10.70 14.43
C2 NAG C . 41.80 -10.22 14.54
C3 NAG C . 42.44 -10.17 13.15
C4 NAG C . 42.29 -11.50 12.44
C5 NAG C . 40.83 -11.93 12.41
C6 NAG C . 40.64 -13.32 11.83
C7 NAG C . 42.15 -8.76 16.48
C8 NAG C . 42.19 -7.35 16.98
N2 NAG C . 41.88 -8.92 15.19
O3 NAG C . 43.81 -9.82 13.27
O4 NAG C . 42.76 -11.39 11.09
O5 NAG C . 40.30 -11.98 13.75
O6 NAG C . 40.17 -14.23 12.81
O7 NAG C . 42.37 -9.72 17.23
C1 NAG D . -2.82 -43.17 -1.23
C2 NAG D . -3.99 -42.48 -1.96
C3 NAG D . -4.14 -43.02 -3.41
C4 NAG D . -3.40 -44.33 -3.71
C5 NAG D . -2.11 -44.55 -2.91
C6 NAG D . -0.90 -44.79 -3.79
C7 NAG D . -6.19 -41.69 -1.24
C8 NAG D . -7.41 -41.99 -0.43
N2 NAG D . -5.23 -42.62 -1.23
O3 NAG D . -3.70 -42.01 -4.32
O4 NAG D . -4.29 -45.46 -3.68
O5 NAG D . -1.80 -43.41 -2.11
O6 NAG D . 0.26 -44.21 -3.23
O7 NAG D . -6.07 -40.66 -1.89
C1 NAG D . -4.50 -46.13 -2.40
C2 NAG D . -5.99 -46.42 -2.18
C3 NAG D . -6.19 -47.15 -0.85
C4 NAG D . -5.30 -48.39 -0.76
C5 NAG D . -3.85 -48.02 -1.05
C6 NAG D . -2.93 -49.22 -1.09
C7 NAG D . -7.89 -45.01 -2.93
C8 NAG D . -8.34 -46.19 -3.77
N2 NAG D . -6.77 -45.19 -2.21
O3 NAG D . -7.56 -47.53 -0.72
O4 NAG D . -5.39 -48.96 0.54
O5 NAG D . -3.74 -47.38 -2.33
O6 NAG D . -1.57 -48.83 -0.90
O7 NAG D . -8.50 -43.95 -2.92
C1 NAG E . 25.03 -42.13 5.49
C2 NAG E . 26.09 -42.33 4.41
C3 NAG E . 26.57 -43.77 4.43
C4 NAG E . 27.13 -44.12 5.80
C5 NAG E . 26.09 -43.85 6.89
C6 NAG E . 26.67 -43.94 8.29
C7 NAG E . 26.31 -41.32 2.19
C8 NAG E . 25.65 -41.05 0.87
N2 NAG E . 25.57 -41.98 3.09
O3 NAG E . 27.56 -43.96 3.43
O4 NAG E . 27.63 -45.46 5.81
O5 NAG E . 25.57 -42.51 6.77
O6 NAG E . 27.89 -43.24 8.40
O7 NAG E . 27.46 -40.96 2.43
C1 NAG E . 26.65 -46.52 5.74
C2 NAG E . 27.02 -47.55 4.67
C3 NAG E . 26.03 -48.73 4.73
C4 NAG E . 25.97 -49.32 6.14
C5 NAG E . 25.62 -48.21 7.14
C6 NAG E . 25.64 -48.69 8.57
C7 NAG E . 27.88 -47.32 2.39
C8 NAG E . 27.74 -46.61 1.09
N2 NAG E . 27.02 -46.97 3.35
O3 NAG E . 26.44 -49.74 3.81
O4 NAG E . 24.98 -50.34 6.19
O5 NAG E . 26.58 -47.16 7.04
O6 NAG E . 26.12 -47.68 9.44
O7 NAG E . 28.74 -48.19 2.58
C1 NAG F . 18.00 -30.80 -19.38
C2 NAG F . 17.27 -32.10 -19.74
C3 NAG F . 16.30 -31.88 -20.91
C4 NAG F . 16.95 -31.08 -22.04
C5 NAG F . 17.61 -29.81 -21.51
C6 NAG F . 17.05 -28.55 -22.12
C7 NAG F . 17.94 -34.46 -19.80
C8 NAG F . 19.01 -35.43 -20.16
N2 NAG F . 18.20 -33.18 -20.03
O3 NAG F . 15.13 -31.20 -20.45
O4 NAG F . 17.94 -31.89 -22.68
O5 NAG F . 17.43 -29.71 -20.10
O6 NAG F . 17.25 -27.43 -21.27
O7 NAG F . 16.86 -34.83 -19.31
C1 NAG F . 17.32 -32.57 -23.79
C2 NAG F . 18.14 -32.30 -25.06
C3 NAG F . 17.56 -33.07 -26.25
C4 NAG F . 17.43 -34.56 -25.90
C5 NAG F . 16.63 -34.74 -24.62
C6 NAG F . 16.58 -36.18 -24.16
C7 NAG F . 19.14 -30.06 -24.92
C8 NAG F . 19.03 -28.63 -25.33
N2 NAG F . 18.18 -30.88 -25.37
O3 NAG F . 18.40 -32.91 -27.37
O4 NAG F . 16.77 -35.25 -26.96
O5 NAG F . 17.25 -33.99 -23.55
O6 NAG F . 17.24 -36.35 -22.91
O7 NAG F . 20.06 -30.47 -24.22
O13 3PH G . -14.32 43.41 -17.88
P 3PH G . -13.87 42.91 -19.23
O14 3PH G . -14.55 41.65 -19.69
O12 3PH G . -13.77 43.98 -20.29
O11 3PH G . -12.34 42.48 -18.98
C1 3PH G . -11.93 41.92 -17.74
C2 3PH G . -10.45 41.58 -17.82
O21 3PH G . -10.26 40.65 -18.87
C21 3PH G . -9.65 41.24 -20.05
O22 3PH G . -9.52 42.45 -20.12
C22 3PH G . -9.17 40.34 -21.17
C23 3PH G . -8.15 39.37 -20.61
C24 3PH G . -7.85 38.24 -21.58
C25 3PH G . -7.08 37.13 -20.87
C26 3PH G . -6.48 36.13 -21.85
C27 3PH G . -5.38 35.33 -21.17
C28 3PH G . -4.26 36.25 -20.68
C29 3PH G . -3.33 35.52 -19.72
C2A 3PH G . -2.28 36.46 -19.15
C2B 3PH G . -1.24 36.83 -20.19
C2C 3PH G . -0.19 37.78 -19.63
C2D 3PH G . -0.80 39.15 -19.36
C2E 3PH G . 0.12 40.02 -18.51
C2F 3PH G . 1.23 40.65 -19.35
C2G 3PH G . 2.54 40.67 -18.58
C2H 3PH G . 3.00 39.25 -18.28
C2I 3PH G . 4.46 39.22 -17.91
C3 3PH G . -9.97 40.90 -16.54
O31 3PH G . -8.71 40.33 -16.88
C31 3PH G . -8.23 39.11 -16.26
O32 3PH G . -8.33 38.96 -15.06
C32 3PH G . -7.61 38.05 -17.14
C33 3PH G . -7.17 36.84 -16.34
C34 3PH G . -8.30 35.85 -16.12
C35 3PH G . -7.97 34.47 -16.68
C36 3PH G . -7.92 34.51 -18.20
C37 3PH G . -8.36 33.17 -18.79
C38 3PH G . -9.88 33.05 -18.77
C39 3PH G . -10.44 33.08 -20.18
C3A 3PH G . -11.93 32.77 -20.17
C3B 3PH G . -12.43 32.45 -21.58
C3C 3PH G . -13.87 32.00 -21.53
C3D 3PH G . -14.25 31.25 -22.81
C3E 3PH G . -15.41 30.29 -22.55
C3F 3PH G . -15.03 28.87 -22.96
C3G 3PH G . -13.86 28.35 -22.12
C3H 3PH G . -12.77 27.78 -23.01
C3I 3PH G . -11.40 28.27 -22.57
C10 HNX H . -12.72 16.54 -2.24
N12 HNX H . -12.35 14.69 0.27
C13 HNX H . -7.16 19.61 -2.02
C15 HNX H . -5.21 20.81 -3.04
C17 HNX H . -4.03 22.42 -1.99
C20 HNX H . -5.38 20.04 -4.20
C21 HNX H . -4.58 20.19 -5.28
C22 HNX H . -3.60 21.09 -5.24
C24 HNX H . -11.46 13.16 -1.38
C01 HNX H . -9.37 17.95 -1.35
C02 HNX H . -10.44 17.05 -1.53
C03 HNX H . -11.72 17.53 -2.11
C04 HNX H . -11.81 18.85 -2.45
C05 HNX H . -10.71 19.76 -2.26
C06 HNX H . -9.48 19.29 -1.70
C07 HNX H . -10.32 15.40 -1.09
C08 HNX H . -11.77 14.63 -1.05
C09 HNX H . -12.62 15.25 -1.98
C14 HNX H . -6.04 20.63 -2.00
C16 HNX H . -4.27 21.66 -3.02
C18 HNX H . -4.76 22.42 -0.77
C19 HNX H . -5.93 21.37 -0.79
C23 HNX H . -3.43 21.82 -4.14
O11 HNX H . -8.38 20.17 -1.52
O25 HNX H . -11.37 12.79 -2.58
O26 HNX H . -11.26 12.33 -0.44
CAA Y01 I . -14.17 27.33 -26.45
CBA Y01 I . -15.68 27.60 -26.45
CAB Y01 I . -16.00 28.85 -27.28
CAN Y01 I . -16.41 26.38 -27.08
CAJ Y01 I . -17.85 26.31 -26.54
CAO Y01 I . -18.69 25.39 -27.46
CBB Y01 I . -19.72 24.62 -26.59
CAC Y01 I . -18.93 23.69 -25.68
CBE Y01 I . -20.73 23.94 -27.52
CAP Y01 I . -20.95 22.51 -27.27
CAQ Y01 I . -22.42 22.23 -27.67
CBG Y01 I . -23.01 23.68 -28.05
CBI Y01 I . -22.19 24.59 -27.42
CAE Y01 I . -22.27 25.97 -28.06
CAU Y01 I . -22.54 24.63 -25.83
CAS Y01 I . -23.99 25.09 -25.60
CBF Y01 I . -24.99 24.29 -26.36
CBD Y01 I . -24.61 23.97 -27.77
CAK Y01 I . -25.47 22.77 -28.24
CAI Y01 I . -27.06 23.08 -28.07
CAZ Y01 I . -27.34 24.51 -27.56
CAV Y01 I . -28.85 24.96 -27.57
CBH Y01 I . -26.49 24.96 -26.36
CAD Y01 I . -26.31 26.47 -26.58
CAT Y01 I . -27.27 24.78 -24.99
CAR Y01 I . -28.64 25.41 -25.01
CBC Y01 I . -29.56 25.00 -26.23
OAW Y01 I . -30.13 23.75 -25.98
CAY Y01 I . -31.55 23.75 -26.15
OAG Y01 I . -32.10 22.82 -26.61
CAM Y01 I . -32.37 24.99 -25.72
CAL Y01 I . -33.85 24.81 -26.11
CAX Y01 I . -34.58 24.01 -25.04
OAH Y01 I . -35.03 24.58 -24.01
OAF Y01 I . -34.73 22.76 -25.17
CAA Y01 J . -27.84 5.63 -10.17
CBA Y01 J . -28.31 5.99 -11.57
CAB Y01 J . -28.91 7.40 -11.59
CAN Y01 J . -27.17 5.80 -12.61
CAJ Y01 J . -26.23 7.03 -12.69
CAO Y01 J . -25.38 7.00 -14.00
CBB Y01 J . -26.29 7.20 -15.25
CAC Y01 J . -26.06 5.99 -16.16
CBE Y01 J . -26.04 8.55 -15.95
CAP Y01 J . -26.29 8.51 -17.41
CAQ Y01 J . -27.25 9.66 -17.78
CBG Y01 J . -27.19 10.63 -16.48
CBI Y01 J . -26.92 9.79 -15.40
CAE Y01 J . -26.16 10.55 -14.33
CAU Y01 J . -28.32 9.15 -14.84
CAS Y01 J . -29.30 10.24 -14.41
CBF Y01 J . -29.65 11.11 -15.57
CBD Y01 J . -28.46 11.68 -16.25
CAK Y01 J . -28.90 12.29 -17.61
CAI Y01 J . -30.09 13.41 -17.45
CAZ Y01 J . -31.03 13.29 -16.21
CAV Y01 J . -32.58 13.46 -16.47
CBH Y01 J . -30.70 12.28 -15.10
CAD Y01 J . -29.96 13.06 -14.03
CAT Y01 J . -32.02 11.72 -14.39
CAR Y01 J . -33.05 12.76 -14.05
CBC Y01 J . -33.28 13.85 -15.17
OAW Y01 J . -34.65 14.01 -15.41
CAY Y01 J . -35.01 15.29 -15.89
OAG Y01 J . -35.10 15.47 -17.06
CAM Y01 J . -35.29 16.45 -14.91
CAL Y01 J . -35.05 17.80 -15.63
CAX Y01 J . -36.34 18.62 -15.60
OAH Y01 J . -36.38 19.75 -16.14
OAF Y01 J . -37.37 18.16 -15.05
#